data_5M90
#
_entry.id   5M90
#
_cell.length_a   73.631
_cell.length_b   73.631
_cell.length_c   185.137
_cell.angle_alpha   90.00
_cell.angle_beta   90.00
_cell.angle_gamma   90.00
#
_symmetry.space_group_name_H-M   'P 41'
#
loop_
_entity.id
_entity.type
_entity.pdbx_description
1 polymer 'Tetrachloroethene reductive dehalogenase catalytic subunit PceA'
2 non-polymer 'IRON/SULFUR CLUSTER'
3 non-polymer NORPSEUDO-B12
4 non-polymer GLYCEROL
5 non-polymer BENZAMIDINE
6 non-polymer 3,4,5-tris(fluoranyl)phenol
7 water water
#
_entity_poly.entity_id   1
_entity_poly.type   'polypeptide(L)'
_entity_poly.pdbx_seq_one_letter_code
;AEKEKNAAEIRQQFAMTAGSPIIVNDKLERYAEVRTAFTHPTSFFKPNYKGEVKPWFLSAYDEKVRQIENGENGPKMKAK
NVGEARAGRALEAAGWTLDINYGNIYPNRFFMLWSGETMTNTQLWAPVGLDRRPPDTTDPVELTNYVKFAARMAGADLVG
VARLNRNWVYSEAVTIPADVPYEQSLHKEIEKPIVFKDVPLPIETDDELIIPNTCENVIVAGIAMNREMMQTAPNSMACA
TTAFCYSRMCMFDMWLCQFIRYMGYYAIPSCNGVGQSVAFAVEAGLGQASRMGACITPEFGPNVRLTKVFTNMPLVPDKP
IDFGVTEFCETCKKCARECPSKAITEGPRTFEGRSIHNQSGKLQWQNDYNKCLGYWPESGGYCGVCVAVCPFTKGNIWIH
DGVEWLIDNTRFLDPLMLGMDDALGYGAKRNITEVWDGKINTYGLDADHFRDTVSFRKDRVKKS
;
_entity_poly.pdbx_strand_id   A,B
#
loop_
_chem_comp.id
_chem_comp.type
_chem_comp.name
_chem_comp.formula
BEN non-polymer BENZAMIDINE 'C7 H8 N2'
BVQ non-polymer NORPSEUDO-B12 'C57 H82 Co N16 O14 P 5'
GOL non-polymer GLYCEROL 'C3 H8 O3'
JIF non-polymer 3,4,5-tris(fluoranyl)phenol 'C6 H3 F3 O'
SF4 non-polymer 'IRON/SULFUR CLUSTER' 'Fe4 S4'
#
# COMPACT_ATOMS: atom_id res chain seq x y z
N LYS A 5 17.92 -1.35 -21.76
CA LYS A 5 18.41 -1.25 -20.39
C LYS A 5 18.14 -2.55 -19.62
N ASN A 6 19.13 -2.98 -18.83
CA ASN A 6 19.10 -4.23 -18.08
C ASN A 6 19.58 -3.96 -16.65
N ALA A 7 18.62 -3.71 -15.75
CA ALA A 7 18.99 -3.37 -14.38
C ALA A 7 19.67 -4.54 -13.66
N ALA A 8 19.28 -5.77 -13.98
CA ALA A 8 19.93 -6.93 -13.34
C ALA A 8 21.39 -7.02 -13.76
N GLU A 9 21.67 -6.80 -15.04
CA GLU A 9 23.05 -6.79 -15.54
C GLU A 9 23.87 -5.72 -14.83
N ILE A 10 23.30 -4.53 -14.68
CA ILE A 10 23.99 -3.44 -14.01
C ILE A 10 24.36 -3.84 -12.58
N ARG A 11 23.42 -4.40 -11.82
CA ARG A 11 23.75 -4.80 -10.45
C ARG A 11 24.79 -5.91 -10.41
N GLN A 12 24.74 -6.85 -11.37
CA GLN A 12 25.76 -7.89 -11.41
C GLN A 12 27.14 -7.30 -11.72
N GLN A 13 27.20 -6.31 -12.62
CA GLN A 13 28.48 -5.76 -13.04
C GLN A 13 29.19 -5.07 -11.89
N PHE A 14 28.44 -4.41 -11.01
CA PHE A 14 29.01 -3.57 -9.96
C PHE A 14 28.99 -4.25 -8.58
N ALA A 15 28.65 -5.52 -8.51
CA ALA A 15 28.64 -6.22 -7.23
C ALA A 15 30.06 -6.32 -6.66
N MET A 16 30.17 -6.13 -5.34
CA MET A 16 31.43 -6.27 -4.64
C MET A 16 31.52 -7.62 -3.93
N THR A 17 32.72 -7.93 -3.45
CA THR A 17 32.86 -9.10 -2.58
C THR A 17 32.23 -8.81 -1.22
N ALA A 18 31.97 -9.88 -0.47
CA ALA A 18 31.24 -9.77 0.77
C ALA A 18 31.99 -8.90 1.78
N GLY A 19 31.23 -8.20 2.62
CA GLY A 19 31.80 -7.39 3.67
C GLY A 19 31.14 -6.02 3.76
N SER A 20 30.80 -5.58 4.97
CA SER A 20 30.21 -4.25 5.14
C SER A 20 31.10 -3.21 4.52
N PRO A 21 30.61 -2.36 3.60
CA PRO A 21 31.46 -1.34 2.98
C PRO A 21 31.68 -0.12 3.85
N ILE A 22 30.96 0.02 4.94
CA ILE A 22 31.06 1.21 5.77
C ILE A 22 32.34 1.11 6.59
N ILE A 23 33.17 2.15 6.48
CA ILE A 23 34.46 2.20 7.15
C ILE A 23 34.28 2.87 8.50
N VAL A 24 34.78 2.22 9.56
CA VAL A 24 34.54 2.70 10.92
C VAL A 24 35.87 2.78 11.66
N ASN A 25 35.84 3.50 12.78
CA ASN A 25 37.01 3.52 13.67
C ASN A 25 36.58 3.24 15.10
N ASP A 26 37.52 3.36 16.05
CA ASP A 26 37.22 2.93 17.41
C ASP A 26 36.30 3.88 18.15
N LYS A 27 36.05 5.08 17.64
CA LYS A 27 35.11 5.99 18.30
C LYS A 27 33.66 5.62 18.06
N LEU A 28 33.38 4.59 17.26
CA LEU A 28 32.00 4.26 16.92
C LEU A 28 31.26 3.68 18.12
N GLU A 29 30.13 4.29 18.45
N GLU A 29 30.11 4.27 18.43
CA GLU A 29 29.19 3.79 19.43
CA GLU A 29 29.21 3.70 19.42
C GLU A 29 27.80 3.80 18.83
C GLU A 29 27.78 3.87 18.93
N ARG A 30 26.90 2.98 19.37
CA ARG A 30 25.52 3.03 18.94
C ARG A 30 24.91 4.39 19.32
N TYR A 31 23.95 4.82 18.50
CA TYR A 31 23.45 6.18 18.49
C TYR A 31 22.06 6.23 19.11
N ALA A 32 21.86 7.13 20.07
CA ALA A 32 20.54 7.27 20.69
C ALA A 32 19.62 8.04 19.75
N GLU A 33 18.46 7.45 19.45
CA GLU A 33 17.53 8.03 18.48
C GLU A 33 17.12 9.45 18.82
N VAL A 34 17.04 9.80 20.11
CA VAL A 34 16.62 11.14 20.48
C VAL A 34 17.54 12.22 19.88
N ARG A 35 18.75 11.82 19.47
CA ARG A 35 19.70 12.77 18.89
C ARG A 35 19.32 13.26 17.50
N THR A 36 18.37 12.60 16.81
CA THR A 36 18.02 13.08 15.46
C THR A 36 17.43 14.49 15.55
N ALA A 37 17.55 15.25 14.46
CA ALA A 37 17.09 16.64 14.52
C ALA A 37 15.59 16.73 14.79
N PHE A 38 14.84 15.71 14.38
CA PHE A 38 13.40 15.72 14.61
C PHE A 38 13.05 15.68 16.09
N THR A 39 13.91 15.09 16.90
CA THR A 39 13.54 14.76 18.27
C THR A 39 14.39 15.46 19.31
N HIS A 40 15.54 15.98 18.94
CA HIS A 40 16.43 16.52 19.95
C HIS A 40 16.00 17.92 20.35
N PRO A 41 16.08 18.27 21.64
CA PRO A 41 15.61 19.59 22.08
C PRO A 41 16.31 20.75 21.39
N THR A 42 17.57 20.60 20.98
CA THR A 42 18.28 21.73 20.37
C THR A 42 17.74 22.08 18.99
N SER A 43 17.14 21.12 18.30
CA SER A 43 16.68 21.29 16.93
C SER A 43 15.16 21.24 16.80
N PHE A 44 14.47 20.64 17.77
CA PHE A 44 13.04 20.37 17.68
C PHE A 44 12.23 21.67 17.56
N PHE A 45 12.71 22.74 18.18
CA PHE A 45 11.98 24.00 18.22
C PHE A 45 12.47 24.92 17.10
N LYS A 46 11.54 25.49 16.35
CA LYS A 46 11.85 26.39 15.26
C LYS A 46 10.85 27.53 15.23
N PRO A 47 11.28 28.72 14.83
CA PRO A 47 10.34 29.84 14.72
C PRO A 47 9.41 29.67 13.53
N ASN A 48 8.19 30.19 13.65
CA ASN A 48 7.30 30.29 12.51
C ASN A 48 7.53 31.65 11.83
N TYR A 49 6.70 31.96 10.82
CA TYR A 49 6.95 33.18 10.06
C TYR A 49 6.60 34.44 10.84
N LYS A 50 5.93 34.31 11.98
CA LYS A 50 5.68 35.43 12.89
C LYS A 50 6.73 35.52 13.99
N GLY A 51 7.76 34.66 13.95
CA GLY A 51 8.77 34.62 14.98
C GLY A 51 8.43 33.86 16.24
N GLU A 52 7.29 33.15 16.27
CA GLU A 52 6.93 32.36 17.45
C GLU A 52 7.65 31.01 17.44
N VAL A 53 8.27 30.65 18.56
CA VAL A 53 9.04 29.41 18.66
C VAL A 53 8.11 28.26 19.03
N LYS A 54 8.06 27.23 18.16
CA LYS A 54 7.14 26.10 18.30
C LYS A 54 7.83 24.80 17.92
N PRO A 55 7.26 23.65 18.27
CA PRO A 55 7.67 22.40 17.61
C PRO A 55 7.73 22.64 16.11
N TRP A 56 8.79 22.15 15.48
CA TRP A 56 9.07 22.54 14.10
C TRP A 56 7.88 22.28 13.19
N PHE A 57 7.15 21.17 13.40
CA PHE A 57 6.10 20.82 12.46
C PHE A 57 4.86 21.71 12.64
N LEU A 58 4.66 22.26 13.85
CA LEU A 58 3.59 23.25 14.01
C LEU A 58 3.96 24.57 13.33
N SER A 59 5.23 24.97 13.41
CA SER A 59 5.66 26.14 12.64
C SER A 59 5.50 25.90 11.14
N ALA A 60 5.77 24.67 10.68
CA ALA A 60 5.57 24.37 9.27
C ALA A 60 4.08 24.39 8.91
N TYR A 61 3.22 23.91 9.80
CA TYR A 61 1.78 24.01 9.59
C TYR A 61 1.36 25.45 9.35
N ASP A 62 1.89 26.37 10.17
CA ASP A 62 1.54 27.78 10.03
C ASP A 62 1.87 28.29 8.64
N GLU A 63 3.00 27.84 8.07
CA GLU A 63 3.41 28.26 6.73
C GLU A 63 2.54 27.63 5.66
N LYS A 64 2.13 26.35 5.84
CA LYS A 64 1.20 25.75 4.90
C LYS A 64 -0.10 26.53 4.83
N VAL A 65 -0.64 26.89 6.00
CA VAL A 65 -1.88 27.65 6.04
C VAL A 65 -1.70 29.00 5.36
N ARG A 66 -0.59 29.69 5.67
CA ARG A 66 -0.31 30.97 5.04
C ARG A 66 -0.23 30.83 3.52
N GLN A 67 0.42 29.77 3.03
CA GLN A 67 0.57 29.60 1.58
C GLN A 67 -0.78 29.35 0.91
N ILE A 68 -1.64 28.52 1.52
CA ILE A 68 -2.95 28.28 0.91
C ILE A 68 -3.73 29.58 0.82
N GLU A 69 -3.73 30.37 1.90
CA GLU A 69 -4.47 31.61 1.90
C GLU A 69 -3.94 32.58 0.84
N ASN A 70 -2.66 32.49 0.53
CA ASN A 70 -2.04 33.36 -0.46
C ASN A 70 -1.93 32.73 -1.83
N GLY A 71 -2.55 31.57 -2.06
CA GLY A 71 -2.49 30.93 -3.37
C GLY A 71 -1.10 30.51 -3.77
N GLU A 72 -0.34 29.91 -2.85
CA GLU A 72 1.03 29.49 -3.13
C GLU A 72 1.18 27.99 -2.94
N ASN A 73 2.05 27.39 -3.74
CA ASN A 73 2.38 25.97 -3.62
C ASN A 73 3.68 25.75 -2.86
N GLY A 74 4.36 26.82 -2.46
CA GLY A 74 5.61 26.72 -1.76
C GLY A 74 6.12 28.12 -1.50
N PRO A 75 7.33 28.23 -0.97
CA PRO A 75 7.84 29.56 -0.58
C PRO A 75 8.07 30.42 -1.82
N LYS A 76 7.33 31.54 -1.88
CA LYS A 76 7.41 32.47 -3.01
C LYS A 76 7.10 31.79 -4.34
N MET A 77 6.26 30.76 -4.33
CA MET A 77 5.89 30.03 -5.54
C MET A 77 4.38 30.13 -5.68
N LYS A 78 3.92 31.04 -6.53
CA LYS A 78 2.49 31.22 -6.73
C LYS A 78 1.87 29.98 -7.38
N ALA A 79 0.73 29.55 -6.85
CA ALA A 79 -0.06 28.52 -7.50
C ALA A 79 -0.90 29.14 -8.62
N LYS A 80 -1.55 28.26 -9.38
CA LYS A 80 -2.55 28.74 -10.35
C LYS A 80 -3.66 29.52 -9.67
N ASN A 81 -4.07 29.08 -8.49
CA ASN A 81 -5.12 29.72 -7.70
C ASN A 81 -5.13 29.06 -6.33
N VAL A 82 -6.02 29.53 -5.46
CA VAL A 82 -6.07 29.00 -4.10
C VAL A 82 -6.50 27.53 -4.11
N GLY A 83 -7.41 27.17 -5.01
CA GLY A 83 -7.85 25.79 -5.08
C GLY A 83 -6.72 24.83 -5.39
N GLU A 84 -5.83 25.22 -6.30
CA GLU A 84 -4.66 24.39 -6.56
C GLU A 84 -3.76 24.29 -5.33
N ALA A 85 -3.52 25.42 -4.64
CA ALA A 85 -2.72 25.38 -3.42
C ALA A 85 -3.34 24.43 -2.40
N ARG A 86 -4.65 24.56 -2.19
CA ARG A 86 -5.39 23.67 -1.29
C ARG A 86 -5.21 22.21 -1.67
N ALA A 87 -5.33 21.91 -2.97
CA ALA A 87 -5.31 20.51 -3.40
C ALA A 87 -3.96 19.84 -3.11
N GLY A 88 -2.86 20.58 -3.27
CA GLY A 88 -1.56 19.99 -3.00
C GLY A 88 -1.38 19.64 -1.52
N ARG A 89 -1.85 20.51 -0.63
CA ARG A 89 -1.74 20.21 0.79
C ARG A 89 -2.72 19.12 1.21
N ALA A 90 -3.90 19.05 0.58
CA ALA A 90 -4.82 17.93 0.85
C ALA A 90 -4.22 16.60 0.43
N LEU A 91 -3.55 16.55 -0.72
CA LEU A 91 -2.88 15.33 -1.16
C LEU A 91 -1.75 14.95 -0.20
N GLU A 92 -0.93 15.93 0.17
CA GLU A 92 0.12 15.71 1.17
C GLU A 92 -0.44 15.15 2.47
N ALA A 93 -1.43 15.81 3.05
CA ALA A 93 -1.95 15.34 4.33
C ALA A 93 -2.51 13.93 4.22
N ALA A 94 -3.27 13.66 3.14
CA ALA A 94 -3.86 12.34 2.96
C ALA A 94 -2.80 11.25 2.83
N GLY A 95 -1.66 11.58 2.20
CA GLY A 95 -0.63 10.56 2.00
C GLY A 95 -0.17 9.88 3.27
N TRP A 96 -0.18 10.63 4.39
CA TRP A 96 0.28 10.17 5.70
C TRP A 96 -0.71 9.27 6.45
N THR A 97 -1.80 8.84 5.81
CA THR A 97 -2.90 8.17 6.53
C THR A 97 -2.44 6.98 7.36
N LEU A 98 -1.50 6.18 6.86
CA LEU A 98 -1.07 4.98 7.58
C LEU A 98 0.28 5.17 8.27
N ASP A 99 0.54 6.36 8.79
CA ASP A 99 1.80 6.67 9.45
C ASP A 99 1.49 7.44 10.73
N ILE A 100 2.16 7.07 11.83
CA ILE A 100 1.96 7.71 13.13
C ILE A 100 3.06 8.75 13.36
N ASN A 101 2.66 10.01 13.56
CA ASN A 101 3.53 11.08 14.05
C ASN A 101 4.81 11.21 13.24
N TYR A 102 4.65 11.17 11.91
CA TYR A 102 5.73 11.41 10.95
C TYR A 102 6.88 10.40 11.13
N GLY A 103 6.57 9.13 10.88
CA GLY A 103 7.62 8.15 10.65
C GLY A 103 7.45 6.79 11.28
N ASN A 104 6.41 6.60 12.10
CA ASN A 104 6.17 5.31 12.78
C ASN A 104 7.35 4.89 13.65
N ILE A 105 7.99 5.85 14.35
CA ILE A 105 9.23 5.47 15.02
C ILE A 105 9.04 4.72 16.34
N TYR A 106 7.91 4.84 17.02
CA TYR A 106 7.77 4.17 18.33
C TYR A 106 7.76 2.66 18.13
N PRO A 107 8.73 1.91 18.65
CA PRO A 107 8.70 0.46 18.43
C PRO A 107 7.60 -0.21 19.22
N ASN A 108 6.99 -1.24 18.61
CA ASN A 108 5.99 -2.07 19.30
C ASN A 108 4.79 -1.23 19.75
N ARG A 109 4.44 -0.21 18.97
CA ARG A 109 3.25 0.60 19.17
C ARG A 109 2.52 0.73 17.84
N PHE A 110 1.19 0.81 17.91
CA PHE A 110 0.32 1.12 16.77
C PHE A 110 0.55 0.13 15.63
N PHE A 111 1.12 0.57 14.51
CA PHE A 111 1.34 -0.35 13.39
C PHE A 111 2.62 -1.16 13.54
N MET A 112 3.54 -0.78 14.42
CA MET A 112 4.85 -1.39 14.48
C MET A 112 4.94 -2.49 15.53
N LEU A 113 3.95 -3.38 15.61
CA LEU A 113 3.97 -4.38 16.68
C LEU A 113 5.06 -5.42 16.45
N TRP A 114 5.76 -5.79 17.51
CA TRP A 114 6.85 -6.75 17.44
C TRP A 114 6.37 -8.20 17.47
N SER A 115 5.11 -8.41 17.83
CA SER A 115 4.46 -9.70 17.71
C SER A 115 3.17 -9.52 16.93
N GLY A 116 2.81 -10.54 16.16
CA GLY A 116 1.52 -10.45 15.48
C GLY A 116 0.32 -10.90 16.29
N GLU A 117 0.51 -11.36 17.53
CA GLU A 117 -0.56 -12.12 18.19
C GLU A 117 -1.85 -11.32 18.37
N THR A 118 -1.77 -10.00 18.61
CA THR A 118 -2.99 -9.23 18.84
C THR A 118 -3.60 -8.66 17.56
N MET A 119 -2.93 -8.80 16.41
CA MET A 119 -3.43 -8.18 15.19
C MET A 119 -4.74 -8.85 14.76
N THR A 120 -5.63 -8.05 14.17
CA THR A 120 -6.91 -8.59 13.72
C THR A 120 -6.72 -9.70 12.69
N ASN A 121 -5.73 -9.56 11.81
CA ASN A 121 -5.48 -10.60 10.81
C ASN A 121 -5.02 -11.89 11.48
N THR A 122 -4.12 -11.80 12.45
CA THR A 122 -3.64 -12.99 13.13
C THR A 122 -4.77 -13.71 13.86
N GLN A 123 -5.63 -12.94 14.53
CA GLN A 123 -6.77 -13.54 15.23
C GLN A 123 -7.69 -14.26 14.27
N LEU A 124 -7.96 -13.65 13.11
CA LEU A 124 -8.87 -14.24 12.13
C LEU A 124 -8.32 -15.57 11.61
N TRP A 125 -7.00 -15.65 11.44
CA TRP A 125 -6.34 -16.81 10.86
C TRP A 125 -5.89 -17.83 11.90
N ALA A 126 -6.10 -17.56 13.19
CA ALA A 126 -5.57 -18.41 14.24
C ALA A 126 -5.89 -19.90 14.07
N PRO A 127 -7.06 -20.31 13.59
CA PRO A 127 -7.33 -21.76 13.50
C PRO A 127 -6.36 -22.52 12.61
N VAL A 128 -5.73 -21.86 11.64
CA VAL A 128 -4.80 -22.55 10.77
C VAL A 128 -3.46 -22.80 11.45
N GLY A 129 -3.13 -22.01 12.46
CA GLY A 129 -1.92 -22.25 13.22
C GLY A 129 -0.64 -21.86 12.54
N LEU A 130 -0.68 -21.01 11.50
CA LEU A 130 0.55 -20.75 10.75
C LEU A 130 1.61 -20.07 11.60
N ASP A 131 1.19 -19.25 12.57
CA ASP A 131 2.18 -18.57 13.39
C ASP A 131 2.67 -19.42 14.56
N ARG A 132 2.03 -20.57 14.82
CA ARG A 132 2.43 -21.48 15.89
C ARG A 132 3.11 -22.75 15.38
N ARG A 133 2.99 -23.07 14.09
CA ARG A 133 3.59 -24.26 13.51
C ARG A 133 5.08 -24.02 13.25
N PRO A 134 5.97 -24.94 13.62
CA PRO A 134 7.38 -24.74 13.35
C PRO A 134 7.62 -24.60 11.85
N PRO A 135 8.69 -23.93 11.45
CA PRO A 135 8.94 -23.73 10.02
C PRO A 135 9.03 -25.06 9.27
N ASP A 136 8.49 -25.08 8.05
CA ASP A 136 8.63 -26.22 7.15
C ASP A 136 9.78 -26.02 6.19
N THR A 137 10.36 -24.82 6.15
CA THR A 137 11.54 -24.53 5.33
C THR A 137 12.57 -23.87 6.23
N THR A 138 13.78 -24.44 6.26
CA THR A 138 14.92 -23.82 6.93
C THR A 138 16.06 -23.49 5.97
N ASP A 139 15.96 -23.89 4.70
CA ASP A 139 16.99 -23.63 3.71
C ASP A 139 17.05 -22.14 3.41
N PRO A 140 18.16 -21.45 3.70
CA PRO A 140 18.23 -20.01 3.41
C PRO A 140 18.02 -19.66 1.95
N VAL A 141 18.39 -20.55 1.03
CA VAL A 141 18.23 -20.24 -0.40
C VAL A 141 16.77 -20.14 -0.76
N GLU A 142 15.98 -21.16 -0.39
CA GLU A 142 14.54 -21.13 -0.67
C GLU A 142 13.85 -20.00 0.09
N LEU A 143 14.24 -19.78 1.35
CA LEU A 143 13.61 -18.72 2.13
C LEU A 143 13.88 -17.35 1.52
N THR A 144 15.09 -17.13 1.00
CA THR A 144 15.39 -15.84 0.39
C THR A 144 14.51 -15.59 -0.83
N ASN A 145 14.31 -16.62 -1.65
CA ASN A 145 13.43 -16.47 -2.81
C ASN A 145 11.99 -16.21 -2.37
N TYR A 146 11.51 -16.97 -1.38
CA TYR A 146 10.14 -16.78 -0.89
C TYR A 146 9.95 -15.38 -0.31
N VAL A 147 10.87 -14.94 0.54
CA VAL A 147 10.63 -13.67 1.23
C VAL A 147 10.79 -12.50 0.26
N LYS A 148 11.65 -12.62 -0.75
CA LYS A 148 11.76 -11.53 -1.70
C LYS A 148 10.55 -11.46 -2.61
N PHE A 149 10.00 -12.61 -3.01
CA PHE A 149 8.76 -12.58 -3.77
C PHE A 149 7.65 -11.91 -2.96
N ALA A 150 7.52 -12.29 -1.68
CA ALA A 150 6.55 -11.66 -0.79
C ALA A 150 6.81 -10.15 -0.68
N ALA A 151 8.08 -9.76 -0.60
CA ALA A 151 8.41 -8.33 -0.49
C ALA A 151 7.91 -7.54 -1.70
N ARG A 152 8.00 -8.13 -2.91
CA ARG A 152 7.53 -7.42 -4.09
C ARG A 152 6.01 -7.32 -4.07
N MET A 153 5.31 -8.40 -3.67
CA MET A 153 3.87 -8.32 -3.48
C MET A 153 3.51 -7.21 -2.50
N ALA A 154 4.33 -7.02 -1.47
CA ALA A 154 4.06 -6.08 -0.40
C ALA A 154 4.45 -4.65 -0.74
N GLY A 155 4.84 -4.38 -2.00
CA GLY A 155 5.03 -3.01 -2.43
C GLY A 155 6.46 -2.53 -2.49
N ALA A 156 7.45 -3.37 -2.25
CA ALA A 156 8.83 -2.95 -2.42
C ALA A 156 9.18 -2.90 -3.91
N ASP A 157 9.83 -1.82 -4.32
CA ASP A 157 10.42 -1.74 -5.64
C ASP A 157 11.83 -2.34 -5.68
N LEU A 158 12.55 -2.25 -4.56
CA LEU A 158 13.85 -2.88 -4.37
C LEU A 158 13.80 -3.67 -3.07
N VAL A 159 14.51 -4.80 -3.03
CA VAL A 159 14.64 -5.54 -1.78
C VAL A 159 16.02 -6.15 -1.70
N GLY A 160 16.60 -6.13 -0.51
CA GLY A 160 17.90 -6.75 -0.30
C GLY A 160 17.99 -7.29 1.12
N VAL A 161 18.96 -8.18 1.34
CA VAL A 161 19.16 -8.83 2.63
C VAL A 161 20.58 -8.58 3.10
N ALA A 162 20.75 -8.27 4.39
CA ALA A 162 22.06 -8.21 5.00
C ALA A 162 22.04 -8.91 6.35
N ARG A 163 23.21 -9.36 6.81
CA ARG A 163 23.33 -9.68 8.23
C ARG A 163 23.12 -8.40 9.02
N LEU A 164 22.51 -8.53 10.19
CA LEU A 164 22.23 -7.35 11.01
C LEU A 164 23.52 -6.86 11.65
N ASN A 165 23.88 -5.61 11.35
CA ASN A 165 25.01 -4.94 12.01
C ASN A 165 24.45 -4.08 13.14
N ARG A 166 24.72 -4.48 14.37
CA ARG A 166 24.12 -3.80 15.52
C ARG A 166 24.63 -2.37 15.70
N ASN A 167 25.71 -1.98 15.03
CA ASN A 167 26.21 -0.61 15.13
C ASN A 167 25.17 0.40 14.68
N TRP A 168 24.24 -0.01 13.81
CA TRP A 168 23.27 0.91 13.25
C TRP A 168 21.92 0.84 13.94
N VAL A 169 21.76 -0.06 14.91
CA VAL A 169 20.55 -0.12 15.73
C VAL A 169 20.67 0.93 16.81
N TYR A 170 19.63 1.74 16.97
CA TYR A 170 19.66 2.80 17.96
C TYR A 170 19.94 2.21 19.34
N SER A 171 20.76 2.91 20.12
CA SER A 171 21.04 2.44 21.49
C SER A 171 19.79 2.53 22.35
N GLU A 172 19.04 3.61 22.17
CA GLU A 172 17.76 3.83 22.85
C GLU A 172 16.79 4.38 21.82
N ALA A 173 15.56 3.90 21.87
CA ALA A 173 14.51 4.36 20.98
C ALA A 173 13.71 5.48 21.63
N VAL A 174 13.07 6.29 20.79
CA VAL A 174 12.02 7.20 21.22
C VAL A 174 10.70 6.46 21.13
N THR A 175 9.92 6.47 22.21
CA THR A 175 8.67 5.73 22.22
C THR A 175 7.71 6.42 23.17
N ILE A 176 6.59 5.75 23.46
CA ILE A 176 5.64 6.20 24.49
C ILE A 176 5.33 5.03 25.42
N PRO A 177 4.94 5.29 26.66
CA PRO A 177 4.50 4.19 27.52
C PRO A 177 3.31 3.47 26.90
N ALA A 178 3.20 2.18 27.22
CA ALA A 178 2.19 1.33 26.58
C ALA A 178 0.76 1.69 26.98
N ASP A 179 0.57 2.41 28.09
CA ASP A 179 -0.77 2.78 28.51
C ASP A 179 -1.18 4.17 27.99
N VAL A 180 -0.38 4.81 27.16
CA VAL A 180 -0.68 6.17 26.69
C VAL A 180 -1.45 6.10 25.39
N PRO A 181 -2.62 6.73 25.30
CA PRO A 181 -3.40 6.71 24.06
C PRO A 181 -2.79 7.65 23.03
N TYR A 182 -3.25 7.51 21.78
CA TYR A 182 -2.65 8.28 20.70
C TYR A 182 -2.73 9.78 20.96
N GLU A 183 -3.87 10.27 21.46
CA GLU A 183 -4.03 11.72 21.54
C GLU A 183 -3.10 12.37 22.56
N GLN A 184 -2.48 11.59 23.45
CA GLN A 184 -1.45 12.12 24.34
C GLN A 184 -0.02 11.76 23.91
N SER A 185 0.13 11.03 22.79
CA SER A 185 1.44 10.46 22.45
C SER A 185 2.52 11.54 22.36
N LEU A 186 2.25 12.64 21.66
CA LEU A 186 3.31 13.62 21.44
C LEU A 186 3.77 14.27 22.73
N HIS A 187 2.94 14.27 23.76
CA HIS A 187 3.27 14.89 25.04
C HIS A 187 3.92 13.94 26.03
N LYS A 188 3.97 12.64 25.71
CA LYS A 188 4.41 11.63 26.67
C LYS A 188 5.55 10.76 26.13
N GLU A 189 6.33 11.28 25.18
CA GLU A 189 7.42 10.51 24.61
C GLU A 189 8.53 10.29 25.64
N ILE A 190 9.12 9.09 25.61
CA ILE A 190 10.18 8.67 26.51
C ILE A 190 11.29 8.03 25.67
N GLU A 191 12.43 7.77 26.31
CA GLU A 191 13.46 6.93 25.72
C GLU A 191 13.40 5.54 26.35
N LYS A 192 13.80 4.54 25.57
CA LYS A 192 13.81 3.18 26.07
C LYS A 192 14.95 2.43 25.39
N PRO A 193 15.81 1.74 26.15
CA PRO A 193 16.94 1.04 25.52
C PRO A 193 16.50 -0.10 24.63
N ILE A 194 17.23 -0.29 23.54
CA ILE A 194 17.14 -1.50 22.72
C ILE A 194 18.34 -2.38 23.06
N VAL A 195 18.07 -3.58 23.56
CA VAL A 195 19.12 -4.49 24.01
C VAL A 195 18.96 -5.83 23.29
N PHE A 196 20.04 -6.60 23.27
CA PHE A 196 20.06 -7.93 22.68
C PHE A 196 20.30 -8.97 23.76
N LYS A 197 19.42 -9.96 23.86
CA LYS A 197 19.47 -10.92 24.94
C LYS A 197 19.14 -12.32 24.42
N ASP A 198 19.52 -13.33 25.21
CA ASP A 198 19.21 -14.72 24.88
C ASP A 198 17.77 -15.00 25.33
N VAL A 199 16.83 -14.60 24.47
CA VAL A 199 15.41 -14.87 24.66
C VAL A 199 14.88 -15.47 23.36
N PRO A 200 13.75 -16.19 23.41
CA PRO A 200 13.27 -16.84 22.19
C PRO A 200 12.60 -15.89 21.20
N LEU A 201 11.96 -14.84 21.69
CA LEU A 201 11.14 -13.96 20.85
C LEU A 201 11.39 -12.51 21.18
N PRO A 202 11.20 -11.59 20.22
CA PRO A 202 11.21 -10.17 20.56
C PRO A 202 10.17 -9.87 21.63
N ILE A 203 10.56 -9.07 22.62
CA ILE A 203 9.69 -8.83 23.76
C ILE A 203 10.04 -7.47 24.36
N GLU A 204 9.04 -6.80 24.90
CA GLU A 204 9.24 -5.50 25.53
C GLU A 204 8.86 -5.61 27.00
N THR A 205 9.75 -5.17 27.88
CA THR A 205 9.47 -5.08 29.30
C THR A 205 9.22 -3.62 29.65
N ASP A 206 8.90 -3.36 30.93
CA ASP A 206 8.79 -1.98 31.36
C ASP A 206 10.07 -1.19 31.11
N ASP A 207 11.23 -1.87 31.15
CA ASP A 207 12.52 -1.20 31.11
C ASP A 207 13.22 -1.27 29.76
N GLU A 208 12.95 -2.29 28.94
CA GLU A 208 13.78 -2.54 27.76
C GLU A 208 12.95 -3.06 26.59
N LEU A 209 13.39 -2.70 25.39
CA LEU A 209 13.00 -3.38 24.15
C LEU A 209 14.07 -4.43 23.88
N ILE A 210 13.68 -5.70 23.86
CA ILE A 210 14.64 -6.80 23.82
C ILE A 210 14.55 -7.49 22.46
N ILE A 211 15.62 -7.42 21.69
CA ILE A 211 15.76 -8.15 20.44
C ILE A 211 16.52 -9.43 20.74
N PRO A 212 16.08 -10.59 20.26
CA PRO A 212 16.83 -11.82 20.54
C PRO A 212 18.20 -11.83 19.87
N ASN A 213 19.16 -12.49 20.54
CA ASN A 213 20.45 -12.71 19.93
C ASN A 213 20.36 -13.53 18.65
N THR A 214 19.27 -14.28 18.46
CA THR A 214 19.07 -15.03 17.22
C THR A 214 18.61 -14.16 16.05
N CYS A 215 18.44 -12.86 16.25
CA CYS A 215 17.96 -11.98 15.18
C CYS A 215 19.11 -11.68 14.24
N GLU A 216 19.29 -12.55 13.24
CA GLU A 216 20.51 -12.58 12.45
C GLU A 216 20.49 -11.56 11.30
N ASN A 217 19.32 -11.29 10.73
CA ASN A 217 19.23 -10.68 9.41
C ASN A 217 18.33 -9.46 9.42
N VAL A 218 18.58 -8.60 8.43
CA VAL A 218 17.72 -7.46 8.14
C VAL A 218 17.35 -7.48 6.66
N ILE A 219 16.07 -7.29 6.37
CA ILE A 219 15.53 -7.20 5.02
C ILE A 219 15.22 -5.73 4.77
N VAL A 220 15.80 -5.16 3.74
CA VAL A 220 15.66 -3.73 3.44
C VAL A 220 14.85 -3.58 2.17
N ALA A 221 13.86 -2.70 2.21
CA ALA A 221 13.03 -2.41 1.05
C ALA A 221 13.25 -0.98 0.58
N GLY A 222 13.29 -0.80 -0.74
CA GLY A 222 13.20 0.51 -1.34
C GLY A 222 11.82 0.72 -1.94
N ILE A 223 11.22 1.88 -1.63
CA ILE A 223 9.87 2.27 -2.01
C ILE A 223 9.99 3.50 -2.89
N ALA A 224 9.83 3.36 -4.21
CA ALA A 224 10.18 4.45 -5.12
C ALA A 224 9.20 5.62 -5.03
N MET A 225 9.74 6.83 -4.97
CA MET A 225 8.93 8.04 -5.05
C MET A 225 8.72 8.45 -6.51
N ASN A 226 7.87 9.44 -6.72
CA ASN A 226 7.52 9.86 -8.07
C ASN A 226 8.45 10.97 -8.52
N ARG A 227 9.06 10.79 -9.71
CA ARG A 227 10.08 11.73 -10.15
C ARG A 227 9.49 13.11 -10.45
N GLU A 228 8.35 13.16 -11.15
CA GLU A 228 7.77 14.46 -11.51
C GLU A 228 7.39 15.26 -10.27
N MET A 229 6.85 14.58 -9.27
CA MET A 229 6.46 15.28 -8.04
C MET A 229 7.66 15.68 -7.21
N MET A 230 8.69 14.85 -7.13
CA MET A 230 9.85 15.25 -6.36
C MET A 230 10.58 16.42 -7.01
N GLN A 231 10.52 16.53 -8.33
N GLN A 231 10.50 16.53 -8.34
CA GLN A 231 11.19 17.65 -8.99
CA GLN A 231 11.17 17.64 -9.01
C GLN A 231 10.56 18.99 -8.66
C GLN A 231 10.53 18.99 -8.71
N THR A 232 9.38 19.01 -8.03
CA THR A 232 8.79 20.27 -7.57
C THR A 232 9.35 20.70 -6.22
N ALA A 233 10.26 19.93 -5.62
CA ALA A 233 10.87 20.33 -4.35
C ALA A 233 11.37 21.77 -4.46
N PRO A 234 11.17 22.56 -3.40
CA PRO A 234 10.64 22.24 -2.07
C PRO A 234 9.14 22.45 -1.93
N ASN A 235 8.40 22.41 -3.03
CA ASN A 235 6.99 22.77 -3.02
C ASN A 235 6.11 21.56 -2.67
N SER A 236 4.79 21.76 -2.69
CA SER A 236 3.91 20.82 -2.01
C SER A 236 3.85 19.45 -2.68
N MET A 237 4.03 19.35 -4.00
CA MET A 237 3.86 18.02 -4.59
C MET A 237 5.02 17.09 -4.23
N ALA A 238 6.22 17.64 -3.96
CA ALA A 238 7.28 16.83 -3.38
C ALA A 238 6.88 16.30 -2.00
N CYS A 239 6.14 17.11 -1.23
CA CYS A 239 5.65 16.65 0.07
C CYS A 239 4.68 15.49 -0.10
N ALA A 240 3.87 15.54 -1.16
CA ALA A 240 2.86 14.49 -1.34
C ALA A 240 3.48 13.15 -1.71
N THR A 241 4.48 13.11 -2.60
CA THR A 241 5.06 11.81 -2.91
C THR A 241 5.83 11.24 -1.70
N THR A 242 6.46 12.13 -0.91
CA THR A 242 7.08 11.69 0.34
C THR A 242 6.04 11.03 1.24
N ALA A 243 4.91 11.71 1.45
CA ALA A 243 3.90 11.25 2.40
C ALA A 243 3.29 9.92 1.98
N PHE A 244 2.88 9.79 0.71
CA PHE A 244 2.28 8.55 0.26
C PHE A 244 3.24 7.37 0.45
N CYS A 245 4.54 7.60 0.25
CA CYS A 245 5.49 6.50 0.40
C CYS A 245 5.66 6.09 1.85
N TYR A 246 5.44 7.00 2.82
CA TYR A 246 5.48 6.55 4.22
C TYR A 246 4.35 5.57 4.51
N SER A 247 3.17 5.81 3.94
CA SER A 247 2.10 4.83 4.15
C SER A 247 2.39 3.52 3.41
N ARG A 248 3.03 3.60 2.23
CA ARG A 248 3.45 2.38 1.56
C ARG A 248 4.48 1.61 2.39
N MET A 249 5.40 2.33 3.07
CA MET A 249 6.36 1.68 3.96
C MET A 249 5.66 0.92 5.06
N CYS A 250 4.67 1.54 5.67
CA CYS A 250 3.98 0.90 6.78
C CYS A 250 3.30 -0.39 6.33
N MET A 251 2.60 -0.34 5.19
N MET A 251 2.57 -0.32 5.21
CA MET A 251 1.94 -1.54 4.70
CA MET A 251 1.94 -1.51 4.65
C MET A 251 2.95 -2.61 4.31
C MET A 251 2.97 -2.59 4.35
N PHE A 252 4.10 -2.20 3.77
CA PHE A 252 5.16 -3.18 3.49
C PHE A 252 5.58 -3.91 4.76
N ASP A 253 5.91 -3.16 5.82
CA ASP A 253 6.37 -3.78 7.05
C ASP A 253 5.35 -4.76 7.59
N MET A 254 4.07 -4.36 7.65
CA MET A 254 3.08 -5.24 8.26
C MET A 254 2.84 -6.48 7.43
N TRP A 255 2.70 -6.30 6.11
CA TRP A 255 2.57 -7.44 5.20
C TRP A 255 3.74 -8.42 5.35
N LEU A 256 4.97 -7.91 5.28
CA LEU A 256 6.12 -8.80 5.29
C LEU A 256 6.28 -9.47 6.65
N CYS A 257 6.10 -8.73 7.74
CA CYS A 257 6.22 -9.34 9.06
C CYS A 257 5.21 -10.47 9.21
N GLN A 258 3.97 -10.27 8.75
CA GLN A 258 2.98 -11.34 8.83
C GLN A 258 3.40 -12.54 7.99
N PHE A 259 3.92 -12.34 6.78
CA PHE A 259 4.41 -13.47 6.00
C PHE A 259 5.48 -14.25 6.76
N ILE A 260 6.46 -13.53 7.29
CA ILE A 260 7.57 -14.18 8.00
C ILE A 260 7.05 -14.95 9.21
N ARG A 261 6.12 -14.34 9.95
CA ARG A 261 5.53 -15.02 11.11
C ARG A 261 4.77 -16.27 10.70
N TYR A 262 3.99 -16.17 9.61
CA TYR A 262 3.24 -17.31 9.14
C TYR A 262 4.13 -18.39 8.50
N MET A 263 5.39 -18.08 8.26
CA MET A 263 6.39 -19.07 7.86
C MET A 263 7.06 -19.73 9.06
N GLY A 264 6.74 -19.34 10.28
CA GLY A 264 7.31 -19.94 11.47
C GLY A 264 8.49 -19.22 12.09
N TYR A 265 8.74 -17.97 11.71
CA TYR A 265 9.83 -17.18 12.26
C TYR A 265 9.23 -15.94 12.92
N TYR A 266 10.08 -15.12 13.54
CA TYR A 266 9.59 -13.85 14.08
C TYR A 266 10.11 -12.71 13.22
N ALA A 267 9.47 -11.54 13.38
CA ALA A 267 9.78 -10.41 12.53
C ALA A 267 9.49 -9.13 13.27
N ILE A 268 10.40 -8.18 13.15
CA ILE A 268 10.29 -6.88 13.79
C ILE A 268 10.16 -5.82 12.70
N PRO A 269 9.06 -5.10 12.64
CA PRO A 269 8.92 -3.98 11.69
C PRO A 269 9.66 -2.75 12.22
N SER A 270 9.77 -1.71 11.38
CA SER A 270 10.43 -0.52 11.89
C SER A 270 10.10 0.81 11.22
N CYS A 271 9.84 0.84 9.91
CA CYS A 271 9.75 2.13 9.22
C CYS A 271 10.93 3.05 9.60
N ASN A 272 10.68 4.25 10.13
CA ASN A 272 11.81 5.14 10.46
C ASN A 272 12.41 4.87 11.84
N GLY A 273 11.88 3.92 12.61
CA GLY A 273 12.43 3.58 13.91
C GLY A 273 13.52 2.51 13.88
N VAL A 274 13.94 2.14 15.09
CA VAL A 274 14.80 0.99 15.45
C VAL A 274 16.26 1.19 15.04
N GLY A 275 16.51 1.59 13.79
CA GLY A 275 17.90 1.77 13.37
C GLY A 275 18.00 2.61 12.11
N GLN A 276 19.25 2.82 11.68
CA GLN A 276 19.56 3.76 10.60
C GLN A 276 19.42 3.07 9.24
N SER A 277 18.37 3.45 8.51
CA SER A 277 18.00 2.77 7.27
C SER A 277 19.07 2.87 6.20
N VAL A 278 19.76 4.01 6.10
CA VAL A 278 20.74 4.18 5.03
C VAL A 278 21.87 3.17 5.18
N ALA A 279 22.36 2.96 6.40
CA ALA A 279 23.43 2.00 6.62
C ALA A 279 22.99 0.59 6.30
N PHE A 280 21.79 0.21 6.74
CA PHE A 280 21.28 -1.12 6.41
C PHE A 280 21.15 -1.29 4.90
N ALA A 281 20.66 -0.25 4.20
CA ALA A 281 20.49 -0.35 2.76
C ALA A 281 21.81 -0.50 2.04
N VAL A 282 22.85 0.20 2.51
CA VAL A 282 24.17 0.04 1.91
C VAL A 282 24.69 -1.38 2.14
N GLU A 283 24.50 -1.91 3.34
CA GLU A 283 25.03 -3.24 3.63
C GLU A 283 24.27 -4.33 2.90
N ALA A 284 22.99 -4.09 2.59
CA ALA A 284 22.17 -5.02 1.83
C ALA A 284 22.30 -4.85 0.31
N GLY A 285 23.09 -3.88 -0.15
CA GLY A 285 23.39 -3.74 -1.56
C GLY A 285 22.36 -3.00 -2.38
N LEU A 286 21.43 -2.27 -1.74
CA LEU A 286 20.49 -1.47 -2.53
C LEU A 286 21.20 -0.32 -3.24
N GLY A 287 22.26 0.21 -2.65
CA GLY A 287 22.99 1.30 -3.27
C GLY A 287 24.16 1.73 -2.41
N GLN A 288 24.62 2.95 -2.65
CA GLN A 288 25.77 3.51 -1.96
C GLN A 288 25.41 4.77 -1.21
N ALA A 289 26.13 5.05 -0.13
CA ALA A 289 25.98 6.33 0.53
C ALA A 289 26.50 7.45 -0.35
N SER A 290 26.06 8.66 -0.04
CA SER A 290 26.24 9.81 -0.92
C SER A 290 26.59 11.05 -0.13
N ARG A 291 26.95 12.12 -0.86
CA ARG A 291 27.26 13.39 -0.20
C ARG A 291 26.07 13.90 0.61
N MET A 292 24.86 13.87 0.03
CA MET A 292 23.71 14.35 0.79
C MET A 292 23.44 13.48 2.01
N GLY A 293 23.89 12.23 2.00
CA GLY A 293 23.70 11.30 3.10
C GLY A 293 22.70 10.19 2.82
N ALA A 294 21.97 10.27 1.72
CA ALA A 294 21.01 9.24 1.36
C ALA A 294 21.68 8.09 0.65
N CYS A 295 20.98 6.96 0.60
CA CYS A 295 21.40 5.82 -0.21
C CYS A 295 20.99 6.08 -1.66
N ILE A 296 21.97 6.14 -2.56
CA ILE A 296 21.72 6.32 -3.98
C ILE A 296 21.67 4.96 -4.65
N THR A 297 20.57 4.68 -5.35
CA THR A 297 20.34 3.40 -6.00
C THR A 297 20.54 3.52 -7.51
N PRO A 298 20.90 2.45 -8.20
CA PRO A 298 21.02 2.56 -9.67
C PRO A 298 19.69 2.87 -10.35
N GLU A 299 18.57 2.40 -9.81
CA GLU A 299 17.29 2.52 -10.48
C GLU A 299 16.63 3.87 -10.25
N PHE A 300 16.77 4.42 -9.04
CA PHE A 300 16.01 5.60 -8.63
C PHE A 300 16.90 6.74 -8.13
N GLY A 301 18.22 6.55 -8.12
CA GLY A 301 19.07 7.47 -7.41
C GLY A 301 18.64 7.52 -5.96
N PRO A 302 18.69 8.70 -5.33
CA PRO A 302 18.20 8.82 -3.96
C PRO A 302 16.70 9.01 -3.85
N ASN A 303 15.98 9.01 -4.97
CA ASN A 303 14.55 9.31 -4.97
C ASN A 303 13.73 8.05 -4.64
N VAL A 304 14.01 7.52 -3.45
CA VAL A 304 13.43 6.25 -3.02
C VAL A 304 13.43 6.25 -1.49
N ARG A 305 12.33 5.78 -0.89
CA ARG A 305 12.28 5.67 0.55
C ARG A 305 12.72 4.27 0.97
N LEU A 306 13.12 4.15 2.22
CA LEU A 306 13.62 2.90 2.79
C LEU A 306 12.78 2.50 3.99
N THR A 307 12.57 1.20 4.14
CA THR A 307 12.12 0.63 5.40
C THR A 307 12.82 -0.70 5.56
N LYS A 308 12.65 -1.34 6.73
CA LYS A 308 13.38 -2.59 6.96
C LYS A 308 12.67 -3.42 8.03
N VAL A 309 12.90 -4.73 7.96
CA VAL A 309 12.33 -5.72 8.86
C VAL A 309 13.44 -6.61 9.36
N PHE A 310 13.45 -6.90 10.67
CA PHE A 310 14.50 -7.70 11.30
C PHE A 310 13.97 -9.09 11.61
N THR A 311 14.80 -10.13 11.39
CA THR A 311 14.25 -11.49 11.53
C THR A 311 15.34 -12.52 11.79
N ASN A 312 14.92 -13.64 12.41
CA ASN A 312 15.74 -14.84 12.55
C ASN A 312 15.58 -15.82 11.38
N MET A 313 14.68 -15.55 10.44
CA MET A 313 14.55 -16.38 9.25
C MET A 313 15.92 -16.54 8.59
N PRO A 314 16.39 -17.76 8.36
CA PRO A 314 17.66 -17.92 7.63
C PRO A 314 17.54 -17.36 6.22
N LEU A 315 18.55 -16.60 5.81
CA LEU A 315 18.54 -15.91 4.52
C LEU A 315 19.96 -15.87 3.97
N VAL A 316 20.07 -15.59 2.67
CA VAL A 316 21.36 -15.42 2.00
C VAL A 316 21.61 -13.93 1.86
N PRO A 317 22.63 -13.36 2.51
CA PRO A 317 22.89 -11.93 2.34
C PRO A 317 23.26 -11.60 0.91
N ASP A 318 22.79 -10.44 0.46
CA ASP A 318 23.16 -9.93 -0.85
C ASP A 318 24.56 -9.29 -0.79
N LYS A 319 25.17 -9.13 -2.00
CA LYS A 319 26.46 -8.47 -1.99
C LYS A 319 26.28 -6.95 -2.04
N PRO A 320 27.18 -6.19 -1.41
CA PRO A 320 27.14 -4.73 -1.58
C PRO A 320 27.44 -4.38 -3.02
N ILE A 321 27.12 -3.13 -3.39
CA ILE A 321 27.31 -2.66 -4.76
C ILE A 321 28.20 -1.42 -4.75
N ASP A 322 29.10 -1.33 -5.74
CA ASP A 322 29.93 -0.14 -5.92
C ASP A 322 29.83 0.25 -7.39
N PHE A 323 29.00 1.24 -7.71
CA PHE A 323 28.90 1.74 -9.08
C PHE A 323 29.49 3.15 -9.21
N GLY A 324 30.41 3.51 -8.33
CA GLY A 324 31.15 4.74 -8.46
C GLY A 324 30.54 5.96 -7.80
N VAL A 325 29.55 5.78 -6.94
CA VAL A 325 28.87 6.95 -6.37
C VAL A 325 29.85 7.81 -5.58
N THR A 326 30.70 7.19 -4.77
CA THR A 326 31.61 7.96 -3.94
C THR A 326 32.48 8.88 -4.79
N GLU A 327 32.96 8.37 -5.91
CA GLU A 327 33.86 9.17 -6.75
C GLU A 327 33.10 10.27 -7.48
N PHE A 328 31.83 10.03 -7.84
CA PHE A 328 31.04 11.11 -8.44
C PHE A 328 30.72 12.19 -7.42
N CYS A 329 30.29 11.79 -6.21
CA CYS A 329 29.99 12.78 -5.17
C CYS A 329 31.21 13.60 -4.80
N GLU A 330 32.42 13.03 -4.93
N GLU A 330 32.41 13.01 -4.94
CA GLU A 330 33.61 13.78 -4.62
CA GLU A 330 33.64 13.74 -4.63
C GLU A 330 33.75 15.01 -5.50
C GLU A 330 33.79 14.97 -5.51
N THR A 331 33.33 14.90 -6.76
CA THR A 331 33.49 15.99 -7.72
C THR A 331 32.21 16.75 -8.05
N CYS A 332 31.04 16.26 -7.65
CA CYS A 332 29.78 16.80 -8.14
C CYS A 332 29.30 18.03 -7.35
N LYS A 333 28.90 17.80 -6.11
CA LYS A 333 28.51 18.86 -5.16
C LYS A 333 27.24 19.63 -5.56
N LYS A 334 26.42 19.12 -6.49
CA LYS A 334 25.23 19.87 -6.88
C LYS A 334 24.27 20.04 -5.72
N CYS A 335 24.07 18.97 -4.94
CA CYS A 335 23.16 19.07 -3.80
C CYS A 335 23.64 20.13 -2.81
N ALA A 336 24.95 20.18 -2.57
CA ALA A 336 25.50 21.15 -1.62
C ALA A 336 25.33 22.58 -2.12
N ARG A 337 25.47 22.79 -3.43
CA ARG A 337 25.33 24.13 -3.97
C ARG A 337 23.89 24.60 -4.01
N GLU A 338 22.95 23.67 -4.18
CA GLU A 338 21.55 24.03 -4.32
C GLU A 338 20.80 24.00 -2.99
N CYS A 339 21.36 23.36 -1.97
CA CYS A 339 20.69 23.26 -0.68
C CYS A 339 20.29 24.64 -0.15
N PRO A 340 18.99 24.90 0.07
CA PRO A 340 18.59 26.25 0.51
C PRO A 340 19.08 26.63 1.89
N SER A 341 19.55 25.68 2.70
CA SER A 341 20.03 26.01 4.04
C SER A 341 21.53 25.82 4.19
N LYS A 342 22.24 25.47 3.09
CA LYS A 342 23.66 25.10 3.11
C LYS A 342 23.99 24.05 4.18
N ALA A 343 23.10 23.09 4.34
CA ALA A 343 23.31 22.03 5.32
C ALA A 343 24.32 20.97 4.88
N ILE A 344 24.56 20.83 3.58
CA ILE A 344 25.37 19.75 3.04
C ILE A 344 26.80 20.25 2.84
N THR A 345 27.76 19.50 3.37
CA THR A 345 29.16 19.93 3.27
C THR A 345 29.66 19.82 1.84
N GLU A 346 30.56 20.75 1.48
CA GLU A 346 31.33 20.65 0.24
C GLU A 346 32.72 20.07 0.47
N GLY A 347 33.03 19.68 1.71
CA GLY A 347 34.35 19.17 2.04
C GLY A 347 34.44 17.66 1.96
N PRO A 348 35.56 17.11 2.40
CA PRO A 348 35.78 15.66 2.34
C PRO A 348 35.03 14.91 3.43
N ARG A 349 34.96 13.61 3.25
CA ARG A 349 34.44 12.72 4.28
C ARG A 349 35.39 12.67 5.47
N THR A 350 34.81 12.55 6.67
CA THR A 350 35.59 12.34 7.89
C THR A 350 34.87 11.33 8.77
N PHE A 351 35.54 10.98 9.88
CA PHE A 351 34.97 10.15 10.93
C PHE A 351 34.39 10.98 12.07
N GLU A 352 34.37 12.30 11.95
CA GLU A 352 34.05 13.18 13.06
C GLU A 352 32.72 13.89 12.80
N GLY A 353 31.74 13.64 13.65
CA GLY A 353 30.44 14.25 13.48
C GLY A 353 30.51 15.76 13.48
N ARG A 354 29.65 16.37 12.67
CA ARG A 354 29.54 17.82 12.64
C ARG A 354 28.86 18.34 13.90
N SER A 355 27.86 17.61 14.39
CA SER A 355 27.13 18.00 15.60
C SER A 355 26.53 16.74 16.21
N ILE A 356 25.73 16.94 17.26
CA ILE A 356 25.09 15.84 17.98
C ILE A 356 24.25 14.96 17.05
N HIS A 357 23.77 15.51 15.93
CA HIS A 357 22.86 14.73 15.09
C HIS A 357 23.59 13.66 14.29
N ASN A 358 24.91 13.74 14.16
CA ASN A 358 25.68 12.75 13.40
C ASN A 358 26.25 11.70 14.33
N GLN A 359 26.29 10.46 13.86
CA GLN A 359 27.00 9.40 14.57
C GLN A 359 28.47 9.42 14.17
N SER A 360 29.34 9.77 15.11
CA SER A 360 30.78 9.76 14.85
C SER A 360 31.32 8.34 14.77
N GLY A 361 32.50 8.21 14.16
CA GLY A 361 33.17 6.93 14.06
C GLY A 361 32.91 6.14 12.80
N LYS A 362 32.25 6.72 11.80
CA LYS A 362 32.08 6.07 10.51
C LYS A 362 32.37 7.09 9.40
N LEU A 363 33.04 6.64 8.35
CA LEU A 363 33.48 7.56 7.30
C LEU A 363 32.30 7.95 6.43
N GLN A 364 31.97 9.25 6.42
CA GLN A 364 30.82 9.73 5.67
C GLN A 364 30.99 11.23 5.47
N TRP A 365 30.23 11.78 4.53
CA TRP A 365 30.10 13.25 4.48
C TRP A 365 29.23 13.71 5.64
N GLN A 366 29.74 14.67 6.41
CA GLN A 366 29.13 15.11 7.67
C GLN A 366 28.32 16.37 7.40
N ASN A 367 27.00 16.25 7.49
CA ASN A 367 26.10 17.36 7.18
C ASN A 367 25.48 17.92 8.45
N ASP A 368 25.07 19.20 8.38
CA ASP A 368 24.46 19.87 9.53
C ASP A 368 22.95 19.74 9.41
N TYR A 369 22.39 18.80 10.16
CA TYR A 369 20.98 18.47 9.98
C TYR A 369 20.05 19.38 10.77
N ASN A 370 20.59 20.20 11.66
CA ASN A 370 19.79 21.28 12.24
C ASN A 370 19.51 22.36 11.21
N LYS A 371 20.49 22.67 10.36
CA LYS A 371 20.26 23.62 9.28
C LYS A 371 19.20 23.10 8.32
N CYS A 372 19.31 21.82 7.92
CA CYS A 372 18.29 21.23 7.06
C CYS A 372 16.89 21.40 7.65
N LEU A 373 16.68 20.94 8.89
CA LEU A 373 15.35 20.98 9.48
C LEU A 373 14.85 22.41 9.58
N GLY A 374 15.75 23.36 9.82
CA GLY A 374 15.36 24.75 9.90
C GLY A 374 14.67 25.27 8.65
N TYR A 375 15.00 24.71 7.49
CA TYR A 375 14.35 25.14 6.26
C TYR A 375 12.93 24.59 6.11
N TRP A 376 12.57 23.54 6.85
CA TRP A 376 11.26 22.95 6.65
C TRP A 376 10.13 23.89 7.09
N PRO A 377 10.15 24.47 8.29
CA PRO A 377 9.11 25.48 8.61
C PRO A 377 9.17 26.68 7.69
N GLU A 378 10.36 27.08 7.25
CA GLU A 378 10.49 28.24 6.38
C GLU A 378 9.77 28.00 5.06
N SER A 379 9.88 26.79 4.52
CA SER A 379 9.30 26.46 3.22
C SER A 379 7.94 25.77 3.36
N GLY A 380 7.55 25.39 4.57
CA GLY A 380 6.28 24.70 4.75
C GLY A 380 6.20 23.30 4.18
N GLY A 381 7.31 22.58 4.11
CA GLY A 381 7.31 21.26 3.54
C GLY A 381 8.43 20.40 4.07
N TYR A 382 8.85 19.40 3.28
CA TYR A 382 9.94 18.50 3.64
C TYR A 382 11.11 18.67 2.69
N CYS A 383 11.20 19.84 2.06
CA CYS A 383 12.22 20.20 1.08
C CYS A 383 12.42 19.09 0.06
N GLY A 384 13.58 18.44 0.07
CA GLY A 384 13.92 17.47 -0.96
C GLY A 384 14.67 18.02 -2.15
N VAL A 385 15.13 19.27 -2.09
CA VAL A 385 15.84 19.85 -3.23
C VAL A 385 17.08 19.03 -3.58
N CYS A 386 17.79 18.53 -2.56
CA CYS A 386 18.97 17.69 -2.79
C CYS A 386 18.62 16.45 -3.61
N VAL A 387 17.53 15.75 -3.27
CA VAL A 387 17.09 14.60 -4.06
C VAL A 387 16.72 15.03 -5.47
N ALA A 388 16.03 16.17 -5.58
CA ALA A 388 15.54 16.64 -6.87
C ALA A 388 16.68 16.96 -7.82
N VAL A 389 17.76 17.57 -7.32
CA VAL A 389 18.82 18.02 -8.22
C VAL A 389 19.89 16.96 -8.45
N CYS A 390 19.89 15.87 -7.68
CA CYS A 390 20.93 14.87 -7.84
C CYS A 390 20.85 14.25 -9.23
N PRO A 391 21.95 14.23 -10.00
CA PRO A 391 21.86 13.61 -11.35
C PRO A 391 21.38 12.18 -11.33
N PHE A 392 21.62 11.42 -10.27
CA PHE A 392 21.15 10.03 -10.22
C PHE A 392 19.63 9.93 -10.13
N THR A 393 18.95 11.02 -9.77
CA THR A 393 17.50 11.01 -9.76
C THR A 393 16.91 11.06 -11.17
N LYS A 394 17.66 11.54 -12.16
CA LYS A 394 17.22 11.48 -13.54
C LYS A 394 17.12 10.02 -14.02
N GLY A 395 16.12 9.75 -14.86
CA GLY A 395 15.91 8.38 -15.30
C GLY A 395 16.82 7.92 -16.42
N ASN A 396 17.77 8.75 -16.82
CA ASN A 396 18.50 8.64 -18.08
C ASN A 396 20.00 8.47 -17.88
N ILE A 397 20.44 7.93 -16.75
CA ILE A 397 21.83 8.01 -16.39
C ILE A 397 22.66 6.90 -17.01
N TRP A 398 22.07 5.75 -17.30
CA TRP A 398 22.82 4.57 -17.69
C TRP A 398 22.96 4.45 -19.20
N ILE A 399 24.19 4.23 -19.66
CA ILE A 399 24.44 3.93 -21.06
C ILE A 399 25.33 2.69 -21.16
N HIS A 400 25.30 2.06 -22.31
CA HIS A 400 26.10 0.87 -22.57
C HIS A 400 27.04 1.18 -23.73
N ASP A 401 28.33 0.83 -23.60
CA ASP A 401 29.32 1.19 -24.61
C ASP A 401 29.67 0.04 -25.54
N GLY A 402 28.82 -1.00 -25.59
CA GLY A 402 29.11 -2.20 -26.36
C GLY A 402 29.77 -3.29 -25.56
N VAL A 403 30.44 -2.95 -24.47
CA VAL A 403 31.09 -3.91 -23.59
C VAL A 403 30.39 -3.96 -22.22
N GLU A 404 30.11 -2.79 -21.64
CA GLU A 404 29.59 -2.76 -20.27
C GLU A 404 28.77 -1.49 -20.06
N TRP A 405 28.10 -1.46 -18.92
CA TRP A 405 27.31 -0.29 -18.51
C TRP A 405 28.20 0.77 -17.87
N LEU A 406 27.80 2.03 -18.03
CA LEU A 406 28.51 3.12 -17.39
C LEU A 406 27.56 4.28 -17.16
N ILE A 407 28.01 5.21 -16.31
N ILE A 407 28.00 5.19 -16.29
CA ILE A 407 27.25 6.42 -16.01
CA ILE A 407 27.26 6.42 -16.00
C ILE A 407 27.62 7.50 -17.03
C ILE A 407 27.61 7.47 -17.05
N ASP A 408 26.60 8.15 -17.58
CA ASP A 408 26.80 9.22 -18.56
C ASP A 408 27.28 10.49 -17.86
N ASN A 409 28.54 10.86 -18.04
CA ASN A 409 29.07 12.03 -17.34
C ASN A 409 28.41 13.33 -17.77
N THR A 410 27.70 13.36 -18.90
CA THR A 410 27.09 14.63 -19.31
C THR A 410 26.02 15.06 -18.32
N ARG A 411 25.45 14.12 -17.55
CA ARG A 411 24.45 14.47 -16.56
C ARG A 411 25.00 15.27 -15.39
N PHE A 412 26.32 15.35 -15.27
CA PHE A 412 26.95 16.03 -14.15
C PHE A 412 27.51 17.40 -14.53
N LEU A 413 27.34 17.82 -15.77
CA LEU A 413 27.77 19.15 -16.20
C LEU A 413 26.97 20.24 -15.49
N ASN A 431 6.09 23.16 -13.76
CA ASN A 431 5.30 23.78 -12.71
C ASN A 431 4.30 22.77 -12.13
N ILE A 432 3.68 23.11 -11.01
CA ILE A 432 2.81 22.16 -10.34
C ILE A 432 1.50 21.95 -11.09
N THR A 433 1.00 22.98 -11.79
CA THR A 433 -0.18 22.74 -12.62
C THR A 433 0.07 21.66 -13.66
N GLU A 434 1.24 21.70 -14.32
CA GLU A 434 1.59 20.69 -15.31
C GLU A 434 1.73 19.30 -14.68
N VAL A 435 2.14 19.23 -13.39
CA VAL A 435 2.17 17.95 -12.71
C VAL A 435 0.76 17.41 -12.52
N TRP A 436 -0.15 18.22 -11.96
CA TRP A 436 -1.53 17.79 -11.79
C TRP A 436 -2.18 17.41 -13.12
N ASP A 437 -1.79 18.05 -14.22
CA ASP A 437 -2.37 17.77 -15.52
C ASP A 437 -1.59 16.72 -16.31
N GLY A 438 -0.50 16.19 -15.77
CA GLY A 438 0.44 15.42 -16.53
C GLY A 438 0.40 13.93 -16.22
N LYS A 439 1.51 13.26 -16.55
CA LYS A 439 1.61 11.81 -16.47
C LYS A 439 1.52 11.31 -15.04
N ILE A 440 0.69 10.27 -14.83
CA ILE A 440 0.67 9.56 -13.57
C ILE A 440 0.26 8.12 -13.86
N ASN A 441 0.56 7.23 -12.93
CA ASN A 441 0.20 5.83 -13.05
C ASN A 441 0.09 5.30 -11.63
N THR A 442 -0.20 4.00 -11.50
CA THR A 442 -0.54 3.43 -10.20
C THR A 442 0.61 3.62 -9.21
N TYR A 443 0.27 4.14 -8.03
CA TYR A 443 1.23 4.43 -6.96
C TYR A 443 2.28 5.43 -7.38
N GLY A 444 2.04 6.17 -8.47
CA GLY A 444 3.04 7.10 -8.94
C GLY A 444 4.21 6.45 -9.64
N LEU A 445 4.14 5.15 -9.90
CA LEU A 445 5.20 4.48 -10.63
C LEU A 445 5.14 4.87 -12.10
N ASP A 446 6.27 4.70 -12.80
CA ASP A 446 6.43 5.18 -14.18
C ASP A 446 6.63 3.98 -15.09
N ALA A 447 5.65 3.72 -15.95
CA ALA A 447 5.76 2.58 -16.85
C ALA A 447 6.94 2.67 -17.81
N ASP A 448 7.51 3.86 -18.01
CA ASP A 448 8.69 3.96 -18.87
C ASP A 448 9.92 3.32 -18.26
N HIS A 449 9.92 3.12 -16.94
CA HIS A 449 11.05 2.55 -16.22
C HIS A 449 10.69 1.34 -15.38
N PHE A 450 9.41 0.97 -15.28
CA PHE A 450 8.98 -0.09 -14.37
C PHE A 450 9.60 -1.43 -14.73
N ARG A 451 9.96 -1.65 -16.01
CA ARG A 451 10.67 -2.89 -16.33
C ARG A 451 11.96 -3.05 -15.56
N ASP A 452 12.57 -1.94 -15.12
CA ASP A 452 13.82 -2.00 -14.39
C ASP A 452 13.72 -2.80 -13.10
N THR A 453 12.53 -2.93 -12.51
CA THR A 453 12.41 -3.67 -11.26
C THR A 453 11.72 -5.02 -11.44
N VAL A 454 11.65 -5.54 -12.67
CA VAL A 454 11.16 -6.90 -12.85
C VAL A 454 12.13 -7.87 -12.18
N SER A 455 11.60 -8.99 -11.69
CA SER A 455 12.40 -9.92 -10.90
C SER A 455 12.05 -11.36 -11.25
N PHE A 456 13.09 -12.17 -11.45
CA PHE A 456 13.02 -13.61 -11.58
C PHE A 456 13.88 -14.24 -10.48
N ARG A 457 13.73 -15.55 -10.28
CA ARG A 457 14.49 -16.20 -9.21
C ARG A 457 15.97 -15.90 -9.31
N LYS A 458 16.51 -15.87 -10.54
CA LYS A 458 17.96 -15.72 -10.69
C LYS A 458 18.48 -14.44 -10.06
N ASP A 459 17.68 -13.38 -10.02
CA ASP A 459 18.10 -12.15 -9.38
C ASP A 459 17.60 -12.01 -7.95
N ARG A 460 16.79 -12.97 -7.47
CA ARG A 460 16.43 -12.99 -6.05
C ARG A 460 17.43 -13.76 -5.21
N VAL A 461 17.98 -14.85 -5.73
CA VAL A 461 18.92 -15.63 -4.95
C VAL A 461 19.85 -16.36 -5.93
N LYS A 462 21.10 -16.51 -5.52
CA LYS A 462 22.11 -17.06 -6.43
C LYS A 462 22.56 -18.44 -5.95
N ILE B 10 -8.96 2.89 -27.07
CA ILE B 10 -10.02 1.88 -26.97
C ILE B 10 -11.19 2.41 -26.15
N ARG B 11 -10.89 2.95 -24.96
CA ARG B 11 -11.96 3.38 -24.07
C ARG B 11 -12.77 4.51 -24.69
N GLN B 12 -12.13 5.38 -25.47
CA GLN B 12 -12.89 6.43 -26.15
C GLN B 12 -13.64 5.85 -27.33
N GLN B 13 -12.99 4.94 -28.06
CA GLN B 13 -13.65 4.30 -29.20
C GLN B 13 -14.91 3.58 -28.78
N PHE B 14 -14.97 3.06 -27.54
CA PHE B 14 -16.10 2.25 -27.12
C PHE B 14 -17.00 2.95 -26.12
N ALA B 15 -16.82 4.25 -25.91
CA ALA B 15 -17.72 5.00 -25.05
C ALA B 15 -19.15 4.97 -25.60
N MET B 16 -20.11 4.67 -24.74
CA MET B 16 -21.52 4.81 -25.05
C MET B 16 -21.99 6.22 -24.71
N THR B 17 -23.19 6.55 -25.16
CA THR B 17 -23.84 7.76 -24.68
C THR B 17 -24.18 7.60 -23.20
N ALA B 18 -24.49 8.72 -22.55
CA ALA B 18 -24.78 8.70 -21.13
C ALA B 18 -26.03 7.84 -20.85
N GLY B 19 -26.09 7.32 -19.63
CA GLY B 19 -27.25 6.54 -19.17
C GLY B 19 -26.82 5.17 -18.70
N SER B 20 -27.37 4.76 -17.56
CA SER B 20 -27.04 3.45 -17.00
C SER B 20 -27.35 2.36 -18.01
N PRO B 21 -26.41 1.48 -18.35
CA PRO B 21 -26.70 0.39 -19.29
C PRO B 21 -27.36 -0.82 -18.66
N ILE B 22 -27.58 -0.82 -17.35
CA ILE B 22 -28.22 -1.95 -16.68
C ILE B 22 -29.72 -1.85 -16.88
N ILE B 23 -30.30 -2.85 -17.54
CA ILE B 23 -31.73 -2.86 -17.84
C ILE B 23 -32.47 -3.43 -16.63
N VAL B 24 -33.46 -2.69 -16.13
CA VAL B 24 -34.24 -3.10 -14.98
C VAL B 24 -35.72 -3.15 -15.36
N ASN B 25 -36.52 -3.75 -14.48
CA ASN B 25 -37.98 -3.71 -14.59
C ASN B 25 -38.55 -3.13 -13.29
N ASP B 26 -39.88 -3.02 -13.19
CA ASP B 26 -40.44 -2.40 -12.01
C ASP B 26 -40.54 -3.35 -10.81
N LYS B 27 -39.99 -4.56 -10.93
CA LYS B 27 -39.88 -5.49 -9.81
C LYS B 27 -38.68 -5.20 -8.92
N LEU B 28 -37.69 -4.47 -9.44
CA LEU B 28 -36.40 -4.33 -8.75
C LEU B 28 -36.56 -3.67 -7.39
N GLU B 29 -35.93 -4.26 -6.38
CA GLU B 29 -35.88 -3.69 -5.04
C GLU B 29 -34.44 -3.74 -4.55
N ARG B 30 -34.11 -2.82 -3.64
CA ARG B 30 -32.78 -2.85 -3.05
C ARG B 30 -32.59 -4.15 -2.27
N TYR B 31 -31.34 -4.59 -2.19
CA TYR B 31 -31.00 -5.95 -1.79
C TYR B 31 -30.34 -5.90 -0.41
N ALA B 32 -30.83 -6.74 0.51
CA ALA B 32 -30.26 -6.81 1.86
C ALA B 32 -28.95 -7.59 1.82
N GLU B 33 -27.88 -6.98 2.37
CA GLU B 33 -26.56 -7.58 2.28
C GLU B 33 -26.51 -8.97 2.87
N VAL B 34 -27.30 -9.24 3.91
CA VAL B 34 -27.28 -10.55 4.56
C VAL B 34 -27.60 -11.68 3.58
N ARG B 35 -28.23 -11.35 2.45
CA ARG B 35 -28.60 -12.36 1.46
C ARG B 35 -27.41 -12.95 0.70
N THR B 36 -26.21 -12.35 0.77
CA THR B 36 -25.10 -12.93 0.03
C THR B 36 -24.79 -14.33 0.58
N ALA B 37 -24.22 -15.18 -0.28
CA ALA B 37 -23.91 -16.54 0.15
C ALA B 37 -22.90 -16.55 1.29
N PHE B 38 -21.97 -15.59 1.31
CA PHE B 38 -21.00 -15.50 2.41
C PHE B 38 -21.67 -15.39 3.77
N THR B 39 -22.84 -14.75 3.85
CA THR B 39 -23.44 -14.35 5.10
C THR B 39 -24.75 -15.05 5.43
N HIS B 40 -25.51 -15.48 4.44
CA HIS B 40 -26.88 -15.89 4.70
C HIS B 40 -26.92 -17.21 5.48
N PRO B 41 -27.83 -17.36 6.44
CA PRO B 41 -27.84 -18.60 7.23
C PRO B 41 -28.08 -19.87 6.42
N THR B 42 -28.73 -19.78 5.26
CA THR B 42 -28.97 -20.98 4.46
C THR B 42 -27.72 -21.48 3.74
N SER B 43 -26.68 -20.64 3.61
CA SER B 43 -25.47 -20.99 2.87
C SER B 43 -24.22 -20.92 3.75
N PHE B 44 -24.32 -20.44 4.98
CA PHE B 44 -23.15 -20.10 5.77
C PHE B 44 -22.44 -21.32 6.31
N PHE B 45 -23.18 -22.38 6.66
CA PHE B 45 -22.63 -23.56 7.30
C PHE B 45 -22.38 -24.65 6.27
N LYS B 46 -21.14 -25.14 6.23
CA LYS B 46 -20.71 -26.18 5.31
C LYS B 46 -19.84 -27.20 6.02
N PRO B 47 -19.89 -28.46 5.59
CA PRO B 47 -19.03 -29.48 6.22
C PRO B 47 -17.58 -29.33 5.82
N ASN B 48 -16.69 -29.74 6.72
CA ASN B 48 -15.29 -29.88 6.38
C ASN B 48 -15.04 -31.30 5.85
N TYR B 49 -13.79 -31.64 5.57
CA TYR B 49 -13.50 -32.94 4.97
C TYR B 49 -13.70 -34.11 5.91
N LYS B 50 -13.82 -33.86 7.22
CA LYS B 50 -14.14 -34.87 8.21
C LYS B 50 -15.64 -35.03 8.43
N GLY B 51 -16.46 -34.22 7.77
CA GLY B 51 -17.91 -34.27 8.00
C GLY B 51 -18.41 -33.37 9.11
N GLU B 52 -17.59 -32.47 9.63
CA GLU B 52 -18.01 -31.58 10.71
C GLU B 52 -18.54 -30.29 10.12
N VAL B 53 -19.77 -29.91 10.49
CA VAL B 53 -20.39 -28.71 9.91
C VAL B 53 -19.97 -27.49 10.71
N LYS B 54 -19.46 -26.48 10.01
CA LYS B 54 -18.89 -25.30 10.62
C LYS B 54 -19.22 -24.10 9.74
N PRO B 55 -19.07 -22.88 10.27
CA PRO B 55 -18.97 -21.72 9.36
C PRO B 55 -18.05 -22.07 8.20
N TRP B 56 -18.49 -21.75 6.98
CA TRP B 56 -17.82 -22.28 5.79
C TRP B 56 -16.33 -21.94 5.77
N PHE B 57 -15.94 -20.75 6.25
CA PHE B 57 -14.53 -20.41 6.17
C PHE B 57 -13.69 -21.15 7.21
N LEU B 58 -14.30 -21.64 8.30
CA LEU B 58 -13.57 -22.51 9.22
C LEU B 58 -13.39 -23.89 8.64
N SER B 59 -14.40 -24.40 7.90
CA SER B 59 -14.20 -25.64 7.17
C SER B 59 -13.12 -25.48 6.11
N ALA B 60 -13.05 -24.31 5.46
CA ALA B 60 -11.98 -24.10 4.48
C ALA B 60 -10.61 -24.05 5.16
N TYR B 61 -10.53 -23.42 6.34
CA TYR B 61 -9.30 -23.48 7.12
C TYR B 61 -8.84 -24.93 7.32
N ASP B 62 -9.77 -25.80 7.71
CA ASP B 62 -9.41 -27.20 7.94
C ASP B 62 -8.79 -27.82 6.71
N GLU B 63 -9.29 -27.47 5.51
CA GLU B 63 -8.72 -28.02 4.29
C GLU B 63 -7.33 -27.45 4.01
N LYS B 64 -7.11 -26.17 4.33
CA LYS B 64 -5.77 -25.60 4.16
C LYS B 64 -4.75 -26.33 5.03
N VAL B 65 -5.11 -26.60 6.29
CA VAL B 65 -4.24 -27.34 7.19
C VAL B 65 -3.95 -28.74 6.63
N ARG B 66 -5.02 -29.43 6.21
CA ARG B 66 -4.85 -30.77 5.65
C ARG B 66 -3.93 -30.75 4.44
N GLN B 67 -4.07 -29.74 3.58
CA GLN B 67 -3.23 -29.66 2.38
C GLN B 67 -1.77 -29.42 2.73
N ILE B 68 -1.50 -28.52 3.69
CA ILE B 68 -0.12 -28.30 4.10
C ILE B 68 0.48 -29.59 4.63
N GLU B 69 -0.25 -30.28 5.52
CA GLU B 69 0.23 -31.54 6.06
C GLU B 69 0.53 -32.55 4.95
N ASN B 70 -0.27 -32.53 3.88
CA ASN B 70 -0.11 -33.49 2.79
C ASN B 70 0.74 -32.95 1.63
N GLY B 71 1.40 -31.81 1.83
CA GLY B 71 2.25 -31.27 0.79
C GLY B 71 1.52 -30.92 -0.48
N GLU B 72 0.37 -30.25 -0.35
CA GLU B 72 -0.47 -29.88 -1.49
C GLU B 72 -0.68 -28.38 -1.53
N ASN B 73 -0.78 -27.84 -2.74
CA ASN B 73 -1.09 -26.43 -2.99
C ASN B 73 -2.57 -26.19 -3.28
N GLY B 74 -3.35 -27.25 -3.39
CA GLY B 74 -4.75 -27.14 -3.72
C GLY B 74 -5.35 -28.54 -3.76
N PRO B 75 -6.63 -28.64 -4.15
CA PRO B 75 -7.29 -29.95 -4.12
C PRO B 75 -6.66 -30.90 -5.15
N LYS B 76 -6.14 -32.02 -4.64
CA LYS B 76 -5.46 -33.02 -5.46
C LYS B 76 -4.36 -32.39 -6.31
N MET B 77 -3.68 -31.37 -5.77
CA MET B 77 -2.57 -30.75 -6.47
C MET B 77 -1.35 -30.79 -5.55
N LYS B 78 -0.47 -31.74 -5.82
CA LYS B 78 0.74 -31.91 -5.03
C LYS B 78 1.66 -30.69 -5.19
N ALA B 79 2.17 -30.18 -4.07
CA ALA B 79 3.20 -29.16 -4.12
C ALA B 79 4.57 -29.81 -4.34
N LYS B 80 5.57 -28.97 -4.62
CA LYS B 80 6.93 -29.47 -4.69
C LYS B 80 7.31 -30.20 -3.40
N ASN B 81 6.85 -29.69 -2.25
CA ASN B 81 7.11 -30.26 -0.94
C ASN B 81 6.23 -29.52 0.07
N VAL B 82 6.31 -29.93 1.33
CA VAL B 82 5.52 -29.30 2.40
C VAL B 82 5.92 -27.84 2.55
N GLY B 83 7.21 -27.54 2.42
CA GLY B 83 7.65 -26.16 2.53
C GLY B 83 6.95 -25.24 1.55
N GLU B 84 6.81 -25.68 0.30
CA GLU B 84 6.12 -24.87 -0.70
C GLU B 84 4.65 -24.70 -0.35
N ALA B 85 4.00 -25.78 0.06
CA ALA B 85 2.59 -25.69 0.47
C ALA B 85 2.42 -24.64 1.58
N ARG B 86 3.27 -24.71 2.60
CA ARG B 86 3.23 -23.74 3.71
C ARG B 86 3.41 -22.31 3.22
N ALA B 87 4.36 -22.10 2.30
CA ALA B 87 4.65 -20.73 1.86
C ALA B 87 3.46 -20.11 1.12
N GLY B 88 2.74 -20.90 0.33
CA GLY B 88 1.58 -20.35 -0.36
C GLY B 88 0.50 -19.91 0.60
N ARG B 89 0.24 -20.70 1.64
CA ARG B 89 -0.77 -20.31 2.63
C ARG B 89 -0.28 -19.17 3.51
N ALA B 90 1.03 -19.11 3.80
CA ALA B 90 1.56 -17.97 4.55
C ALA B 90 1.42 -16.69 3.75
N LEU B 91 1.67 -16.75 2.44
CA LEU B 91 1.51 -15.56 1.61
C LEU B 91 0.04 -15.14 1.54
N GLU B 92 -0.87 -16.11 1.38
CA GLU B 92 -2.30 -15.82 1.38
C GLU B 92 -2.73 -15.14 2.68
N ALA B 93 -2.40 -15.75 3.82
CA ALA B 93 -2.86 -15.21 5.10
C ALA B 93 -2.32 -13.80 5.31
N ALA B 94 -1.05 -13.57 4.96
CA ALA B 94 -0.45 -12.25 5.14
C ALA B 94 -1.12 -11.20 4.26
N GLY B 95 -1.58 -11.59 3.08
CA GLY B 95 -2.15 -10.60 2.16
C GLY B 95 -3.32 -9.85 2.76
N TRP B 96 -4.07 -10.52 3.64
CA TRP B 96 -5.27 -10.00 4.29
C TRP B 96 -4.98 -9.04 5.46
N THR B 97 -3.73 -8.61 5.68
CA THR B 97 -3.37 -7.88 6.90
C THR B 97 -4.24 -6.64 7.14
N LEU B 98 -4.56 -5.89 6.08
CA LEU B 98 -5.32 -4.65 6.22
C LEU B 98 -6.79 -4.83 5.87
N ASP B 99 -7.37 -5.97 6.22
CA ASP B 99 -8.75 -6.29 5.87
C ASP B 99 -9.41 -6.97 7.06
N ILE B 100 -10.63 -6.53 7.40
CA ILE B 100 -11.36 -7.07 8.55
C ILE B 100 -12.35 -8.13 8.06
N ASN B 101 -12.21 -9.36 8.58
CA ASN B 101 -13.20 -10.44 8.43
C ASN B 101 -13.66 -10.62 6.98
N TYR B 102 -12.67 -10.64 6.09
CA TYR B 102 -12.84 -10.97 4.67
C TYR B 102 -13.78 -9.98 3.96
N GLY B 103 -13.30 -8.74 3.85
CA GLY B 103 -13.95 -7.82 2.94
C GLY B 103 -14.27 -6.43 3.47
N ASN B 104 -14.00 -6.16 4.74
CA ASN B 104 -14.25 -4.83 5.34
C ASN B 104 -15.71 -4.40 5.16
N ILE B 105 -16.64 -5.33 5.30
CA ILE B 105 -18.02 -4.97 4.95
C ILE B 105 -18.73 -4.14 6.01
N TYR B 106 -18.33 -4.18 7.29
CA TYR B 106 -19.10 -3.44 8.31
C TYR B 106 -18.91 -1.94 8.08
N PRO B 107 -19.97 -1.17 7.81
CA PRO B 107 -19.76 0.26 7.56
C PRO B 107 -19.49 1.01 8.85
N ASN B 108 -18.61 2.00 8.76
CA ASN B 108 -18.30 2.88 9.89
C ASN B 108 -17.71 2.10 11.07
N ARG B 109 -16.93 1.06 10.77
CA ARG B 109 -16.18 0.30 11.75
C ARG B 109 -14.75 0.11 11.25
N PHE B 110 -13.82 0.00 12.19
CA PHE B 110 -12.43 -0.34 11.91
C PHE B 110 -11.82 0.60 10.87
N PHE B 111 -11.50 0.09 9.67
CA PHE B 111 -10.90 0.93 8.64
C PHE B 111 -11.94 1.74 7.85
N MET B 112 -13.21 1.39 7.95
CA MET B 112 -14.24 1.95 7.08
C MET B 112 -14.98 3.10 7.74
N LEU B 113 -14.28 4.01 8.42
CA LEU B 113 -14.98 5.07 9.13
C LEU B 113 -15.60 6.06 8.16
N TRP B 114 -16.83 6.49 8.46
CA TRP B 114 -17.58 7.42 7.62
C TRP B 114 -17.20 8.87 7.90
N SER B 115 -16.47 9.14 8.99
CA SER B 115 -15.88 10.44 9.27
C SER B 115 -14.40 10.26 9.52
N GLY B 116 -13.61 11.27 9.14
CA GLY B 116 -12.20 11.18 9.46
C GLY B 116 -11.80 11.71 10.81
N GLU B 117 -12.78 12.23 11.58
CA GLU B 117 -12.47 13.06 12.74
C GLU B 117 -11.60 12.34 13.77
N THR B 118 -11.80 11.04 14.00
CA THR B 118 -11.07 10.33 15.05
C THR B 118 -9.78 9.67 14.54
N MET B 119 -9.50 9.75 13.24
CA MET B 119 -8.34 9.05 12.70
C MET B 119 -7.05 9.71 13.20
N THR B 120 -6.02 8.88 13.43
CA THR B 120 -4.74 9.42 13.90
C THR B 120 -4.18 10.46 12.94
N ASN B 121 -4.35 10.24 11.63
CA ASN B 121 -3.85 11.19 10.64
C ASN B 121 -4.59 12.53 10.71
N THR B 122 -5.92 12.48 10.83
CA THR B 122 -6.69 13.72 10.97
C THR B 122 -6.28 14.48 12.22
N GLN B 123 -6.07 13.76 13.32
CA GLN B 123 -5.70 14.42 14.58
C GLN B 123 -4.35 15.11 14.46
N LEU B 124 -3.39 14.46 13.82
CA LEU B 124 -2.06 15.03 13.66
C LEU B 124 -2.11 16.30 12.82
N TRP B 125 -2.98 16.33 11.82
CA TRP B 125 -3.10 17.43 10.87
C TRP B 125 -4.10 18.47 11.31
N ALA B 126 -4.76 18.27 12.45
CA ALA B 126 -5.80 19.19 12.89
C ALA B 126 -5.39 20.66 12.86
N PRO B 127 -4.21 21.09 13.26
CA PRO B 127 -3.94 22.53 13.26
C PRO B 127 -4.03 23.19 11.89
N VAL B 128 -3.90 22.43 10.79
CA VAL B 128 -4.02 23.03 9.47
C VAL B 128 -5.48 23.26 9.09
N GLY B 129 -6.40 22.48 9.65
CA GLY B 129 -7.82 22.68 9.43
C GLY B 129 -8.33 22.34 8.04
N LEU B 130 -7.66 21.44 7.33
CA LEU B 130 -8.10 21.13 5.96
C LEU B 130 -9.48 20.48 5.95
N ASP B 131 -9.79 19.68 6.97
CA ASP B 131 -11.09 19.02 6.99
C ASP B 131 -12.20 19.93 7.49
N ARG B 132 -11.87 21.09 8.06
CA ARG B 132 -12.90 22.03 8.53
C ARG B 132 -13.09 23.22 7.60
N ARG B 133 -12.17 23.45 6.69
CA ARG B 133 -12.19 24.58 5.80
C ARG B 133 -13.14 24.31 4.63
N PRO B 134 -14.01 25.25 4.28
CA PRO B 134 -14.90 25.04 3.11
C PRO B 134 -14.10 24.76 1.86
N PRO B 135 -14.68 24.09 0.87
CA PRO B 135 -13.93 23.83 -0.37
C PRO B 135 -13.44 25.11 -1.03
N ASP B 136 -12.21 25.06 -1.54
CA ASP B 136 -11.70 26.12 -2.38
C ASP B 136 -11.96 25.87 -3.86
N THR B 137 -12.42 24.68 -4.21
CA THR B 137 -12.72 24.30 -5.58
C THR B 137 -14.08 23.63 -5.60
N THR B 138 -15.00 24.15 -6.42
CA THR B 138 -16.30 23.56 -6.63
C THR B 138 -16.55 23.18 -8.08
N ASP B 139 -15.65 23.53 -8.98
CA ASP B 139 -15.70 23.18 -10.39
C ASP B 139 -15.56 21.66 -10.57
N PRO B 140 -16.58 20.96 -11.06
CA PRO B 140 -16.49 19.50 -11.18
C PRO B 140 -15.40 19.03 -12.14
N VAL B 141 -15.04 19.84 -13.14
CA VAL B 141 -13.98 19.44 -14.06
C VAL B 141 -12.64 19.39 -13.34
N GLU B 142 -12.29 20.45 -12.62
CA GLU B 142 -11.02 20.44 -11.89
C GLU B 142 -11.03 19.39 -10.78
N LEU B 143 -12.17 19.22 -10.10
CA LEU B 143 -12.23 18.24 -9.03
C LEU B 143 -12.04 16.83 -9.58
N THR B 144 -12.63 16.54 -10.74
CA THR B 144 -12.49 15.22 -11.33
C THR B 144 -11.04 14.92 -11.67
N ASN B 145 -10.31 15.91 -12.19
CA ASN B 145 -8.90 15.71 -12.48
C ASN B 145 -8.11 15.51 -11.19
N TYR B 146 -8.35 16.35 -10.17
CA TYR B 146 -7.65 16.22 -8.88
C TYR B 146 -7.90 14.85 -8.26
N VAL B 147 -9.17 14.43 -8.20
CA VAL B 147 -9.46 13.22 -7.43
C VAL B 147 -8.99 11.98 -8.17
N LYS B 148 -8.99 12.00 -9.51
CA LYS B 148 -8.48 10.86 -10.25
C LYS B 148 -6.96 10.76 -10.12
N PHE B 149 -6.26 11.90 -10.14
CA PHE B 149 -4.83 11.88 -9.87
C PHE B 149 -4.57 11.26 -8.49
N ALA B 150 -5.31 11.73 -7.47
CA ALA B 150 -5.17 11.18 -6.12
C ALA B 150 -5.47 9.68 -6.11
N ALA B 151 -6.48 9.26 -6.88
CA ALA B 151 -6.85 7.85 -6.91
C ALA B 151 -5.71 6.98 -7.44
N ARG B 152 -4.98 7.48 -8.44
CA ARG B 152 -3.86 6.71 -8.95
C ARG B 152 -2.72 6.64 -7.92
N MET B 153 -2.46 7.77 -7.25
CA MET B 153 -1.48 7.76 -6.16
C MET B 153 -1.88 6.74 -5.11
N ALA B 154 -3.18 6.60 -4.87
CA ALA B 154 -3.72 5.73 -3.83
C ALA B 154 -3.80 4.27 -4.26
N GLY B 155 -3.32 3.91 -5.45
CA GLY B 155 -3.18 2.52 -5.83
C GLY B 155 -4.23 1.97 -6.78
N ALA B 156 -5.13 2.79 -7.28
CA ALA B 156 -6.05 2.34 -8.30
C ALA B 156 -5.33 2.19 -9.63
N ASP B 157 -5.58 1.07 -10.29
CA ASP B 157 -5.12 0.89 -11.67
C ASP B 157 -6.12 1.44 -12.68
N LEU B 158 -7.40 1.43 -12.31
CA LEU B 158 -8.49 2.04 -13.07
C LEU B 158 -9.29 2.92 -12.11
N VAL B 159 -9.84 4.01 -12.62
CA VAL B 159 -10.74 4.83 -11.81
C VAL B 159 -11.83 5.41 -12.70
N GLY B 160 -13.06 5.44 -12.17
CA GLY B 160 -14.17 6.03 -12.90
C GLY B 160 -15.16 6.65 -11.93
N VAL B 161 -16.02 7.50 -12.47
CA VAL B 161 -17.01 8.25 -11.70
C VAL B 161 -18.39 8.01 -12.28
N ALA B 162 -19.36 7.80 -11.40
CA ALA B 162 -20.76 7.70 -11.80
C ALA B 162 -21.63 8.48 -10.83
N ARG B 163 -22.79 8.94 -11.30
CA ARG B 163 -23.83 9.31 -10.36
C ARG B 163 -24.23 8.08 -9.54
N LEU B 164 -24.58 8.31 -8.29
CA LEU B 164 -24.88 7.20 -7.39
C LEU B 164 -26.27 6.67 -7.69
N ASN B 165 -26.35 5.42 -8.13
CA ASN B 165 -27.63 4.74 -8.34
C ASN B 165 -27.98 3.99 -7.05
N ARG B 166 -29.03 4.44 -6.36
CA ARG B 166 -29.37 3.86 -5.07
C ARG B 166 -29.86 2.42 -5.19
N ASN B 167 -30.25 1.98 -6.39
CA ASN B 167 -30.69 0.58 -6.56
C ASN B 167 -29.62 -0.42 -6.17
N TRP B 168 -28.35 -0.02 -6.24
CA TRP B 168 -27.26 -0.95 -5.95
C TRP B 168 -26.73 -0.79 -4.53
N VAL B 169 -27.26 0.16 -3.78
CA VAL B 169 -26.89 0.30 -2.37
C VAL B 169 -27.70 -0.72 -1.58
N TYR B 170 -27.01 -1.47 -0.72
CA TYR B 170 -27.72 -2.47 0.09
C TYR B 170 -28.83 -1.80 0.89
N SER B 171 -29.98 -2.48 0.96
CA SER B 171 -31.07 -1.94 1.76
C SER B 171 -30.72 -1.95 3.24
N GLU B 172 -30.02 -3.00 3.67
CA GLU B 172 -29.52 -3.14 5.03
C GLU B 172 -28.13 -3.73 4.94
N ALA B 173 -27.23 -3.24 5.80
CA ALA B 173 -25.86 -3.71 5.85
C ALA B 173 -25.70 -4.78 6.91
N VAL B 174 -24.66 -5.59 6.75
CA VAL B 174 -24.17 -6.43 7.84
C VAL B 174 -23.09 -5.66 8.60
N THR B 175 -23.26 -5.54 9.91
CA THR B 175 -22.30 -4.76 10.71
C THR B 175 -22.21 -5.38 12.10
N ILE B 176 -21.61 -4.67 13.03
CA ILE B 176 -21.59 -5.08 14.44
C ILE B 176 -21.93 -3.86 15.29
N PRO B 177 -22.39 -4.08 16.52
CA PRO B 177 -22.60 -2.93 17.42
C PRO B 177 -21.30 -2.18 17.64
N ALA B 178 -21.41 -0.86 17.83
CA ALA B 178 -20.23 -0.01 17.77
C ALA B 178 -19.22 -0.31 18.88
N ASP B 179 -19.68 -0.79 20.03
CA ASP B 179 -18.80 -1.05 21.17
C ASP B 179 -18.39 -2.52 21.27
N VAL B 180 -18.76 -3.36 20.33
CA VAL B 180 -18.34 -4.76 20.35
C VAL B 180 -16.86 -4.84 19.93
N PRO B 181 -16.01 -5.47 20.72
CA PRO B 181 -14.59 -5.57 20.35
C PRO B 181 -14.38 -6.58 19.23
N TYR B 182 -13.25 -6.44 18.55
CA TYR B 182 -12.98 -7.29 17.40
C TYR B 182 -13.13 -8.78 17.73
N GLU B 183 -12.64 -9.21 18.90
CA GLU B 183 -12.65 -10.63 19.25
C GLU B 183 -14.06 -11.21 19.29
N GLN B 184 -15.09 -10.38 19.42
CA GLN B 184 -16.46 -10.85 19.41
C GLN B 184 -17.21 -10.51 18.12
N SER B 185 -16.51 -9.92 17.13
CA SER B 185 -17.20 -9.39 15.96
C SER B 185 -17.96 -10.47 15.20
N LEU B 186 -17.28 -11.57 14.86
CA LEU B 186 -17.89 -12.60 14.03
C LEU B 186 -19.16 -13.16 14.66
N HIS B 187 -19.22 -13.22 15.99
CA HIS B 187 -20.35 -13.79 16.69
C HIS B 187 -21.47 -12.79 16.95
N LYS B 188 -21.28 -11.52 16.62
CA LYS B 188 -22.28 -10.51 16.94
C LYS B 188 -22.61 -9.63 15.74
N GLU B 189 -22.52 -10.21 14.54
CA GLU B 189 -22.96 -9.50 13.35
C GLU B 189 -24.46 -9.32 13.35
N ILE B 190 -24.90 -8.13 12.92
CA ILE B 190 -26.29 -7.72 12.90
C ILE B 190 -26.61 -7.02 11.58
N GLU B 191 -27.90 -6.92 11.28
N GLU B 191 -27.91 -6.83 11.33
CA GLU B 191 -28.33 -6.12 10.15
CA GLU B 191 -28.41 -6.16 10.14
C GLU B 191 -28.63 -4.70 10.60
C GLU B 191 -28.84 -4.74 10.50
N LYS B 192 -28.44 -3.76 9.69
CA LYS B 192 -28.73 -2.36 9.98
C LYS B 192 -29.11 -1.61 8.71
N PRO B 193 -30.23 -0.90 8.70
CA PRO B 193 -30.69 -0.24 7.47
C PRO B 193 -29.74 0.88 7.04
N ILE B 194 -29.58 1.00 5.72
CA ILE B 194 -28.92 2.14 5.10
C ILE B 194 -30.02 3.01 4.50
N VAL B 195 -30.11 4.27 4.94
CA VAL B 195 -31.17 5.16 4.49
C VAL B 195 -30.56 6.49 4.04
N PHE B 196 -31.31 7.20 3.21
CA PHE B 196 -30.92 8.51 2.72
C PHE B 196 -31.83 9.56 3.32
N LYS B 197 -31.24 10.63 3.86
CA LYS B 197 -32.02 11.65 4.54
C LYS B 197 -31.39 13.02 4.30
N ASP B 198 -32.17 14.06 4.59
CA ASP B 198 -31.67 15.43 4.47
C ASP B 198 -30.88 15.74 5.74
N VAL B 199 -29.59 15.40 5.70
CA VAL B 199 -28.66 15.66 6.78
C VAL B 199 -27.38 16.22 6.19
N PRO B 200 -26.60 16.97 6.98
CA PRO B 200 -25.40 17.60 6.41
C PRO B 200 -24.30 16.61 6.09
N LEU B 201 -24.09 15.60 6.95
CA LEU B 201 -22.94 14.72 6.89
C LEU B 201 -23.38 13.27 7.04
N PRO B 202 -22.61 12.31 6.53
CA PRO B 202 -22.89 10.91 6.84
C PRO B 202 -22.86 10.70 8.35
N ILE B 203 -23.87 10.00 8.87
CA ILE B 203 -24.00 9.84 10.31
C ILE B 203 -24.63 8.48 10.59
N GLU B 204 -24.20 7.86 11.68
CA GLU B 204 -24.78 6.60 12.14
C GLU B 204 -25.48 6.82 13.47
N THR B 205 -26.75 6.41 13.55
CA THR B 205 -27.47 6.41 14.81
C THR B 205 -27.51 4.99 15.36
N ASP B 206 -28.16 4.83 16.52
CA ASP B 206 -28.38 3.49 17.04
C ASP B 206 -29.14 2.64 16.04
N ASP B 207 -29.98 3.26 15.23
CA ASP B 207 -30.94 2.54 14.39
C ASP B 207 -30.56 2.50 12.92
N GLU B 208 -29.80 3.48 12.40
CA GLU B 208 -29.65 3.62 10.97
C GLU B 208 -28.26 4.09 10.60
N LEU B 209 -27.79 3.60 9.46
CA LEU B 209 -26.71 4.22 8.72
C LEU B 209 -27.31 5.23 7.76
N ILE B 210 -26.98 6.51 7.94
CA ILE B 210 -27.64 7.59 7.20
C ILE B 210 -26.65 8.21 6.22
N ILE B 211 -26.96 8.07 4.93
CA ILE B 211 -26.21 8.73 3.86
C ILE B 211 -26.95 10.01 3.47
N PRO B 212 -26.27 11.14 3.34
CA PRO B 212 -26.97 12.38 2.98
C PRO B 212 -27.55 12.30 1.58
N ASN B 213 -28.70 12.97 1.41
CA ASN B 213 -29.26 13.13 0.07
C ASN B 213 -28.32 13.89 -0.85
N THR B 214 -27.38 14.66 -0.30
CA THR B 214 -26.40 15.34 -1.13
C THR B 214 -25.30 14.41 -1.65
N CYS B 215 -25.33 13.13 -1.31
CA CYS B 215 -24.27 12.20 -1.70
C CYS B 215 -24.50 11.78 -3.15
N GLU B 216 -24.00 12.60 -4.07
CA GLU B 216 -24.40 12.52 -5.47
C GLU B 216 -23.64 11.46 -6.26
N ASN B 217 -22.39 11.17 -5.87
CA ASN B 217 -21.46 10.50 -6.76
C ASN B 217 -20.82 9.30 -6.09
N VAL B 218 -20.36 8.38 -6.93
CA VAL B 218 -19.55 7.25 -6.50
C VAL B 218 -18.29 7.20 -7.37
N ILE B 219 -17.15 7.01 -6.73
CA ILE B 219 -15.86 6.86 -7.40
C ILE B 219 -15.49 5.39 -7.29
N VAL B 220 -15.27 4.74 -8.43
CA VAL B 220 -15.01 3.29 -8.46
C VAL B 220 -13.56 3.08 -8.88
N ALA B 221 -12.85 2.24 -8.13
CA ALA B 221 -11.46 1.90 -8.42
C ALA B 221 -11.33 0.44 -8.81
N GLY B 222 -10.51 0.19 -9.84
CA GLY B 222 -10.08 -1.15 -10.19
C GLY B 222 -8.66 -1.38 -9.68
N ILE B 223 -8.46 -2.51 -9.02
CA ILE B 223 -7.19 -2.86 -8.39
C ILE B 223 -6.74 -4.19 -9.00
N ALA B 224 -5.73 -4.13 -9.87
CA ALA B 224 -5.42 -5.27 -10.72
C ALA B 224 -4.76 -6.41 -9.94
N MET B 225 -5.25 -7.63 -10.16
CA MET B 225 -4.63 -8.83 -9.61
C MET B 225 -3.52 -9.32 -10.54
N ASN B 226 -2.74 -10.29 -10.05
CA ASN B 226 -1.58 -10.78 -10.81
C ASN B 226 -2.00 -11.94 -11.70
N ARG B 227 -1.63 -11.88 -12.98
CA ARG B 227 -2.12 -12.88 -13.93
C ARG B 227 -1.52 -14.26 -13.66
N GLU B 228 -0.21 -14.34 -13.46
CA GLU B 228 0.43 -15.63 -13.20
C GLU B 228 -0.18 -16.30 -11.97
N MET B 229 -0.45 -15.52 -10.92
CA MET B 229 -0.99 -16.11 -9.69
C MET B 229 -2.45 -16.51 -9.86
N MET B 230 -3.26 -15.68 -10.53
CA MET B 230 -4.64 -16.07 -10.71
C MET B 230 -4.75 -17.30 -11.60
N GLN B 231 -3.80 -17.49 -12.52
CA GLN B 231 -3.91 -18.67 -13.36
C GLN B 231 -3.60 -19.98 -12.62
N THR B 232 -3.16 -19.93 -11.36
CA THR B 232 -3.09 -21.15 -10.54
C THR B 232 -4.41 -21.52 -9.88
N ALA B 233 -5.49 -20.75 -10.11
CA ALA B 233 -6.81 -21.08 -9.56
C ALA B 233 -7.13 -22.54 -9.86
N PRO B 234 -7.72 -23.25 -8.89
CA PRO B 234 -8.24 -22.83 -7.58
C PRO B 234 -7.22 -22.99 -6.45
N ASN B 235 -5.94 -22.98 -6.77
CA ASN B 235 -4.88 -23.29 -5.81
C ASN B 235 -4.46 -22.03 -5.05
N SER B 236 -3.46 -22.20 -4.18
CA SER B 236 -3.19 -21.21 -3.14
C SER B 236 -2.69 -19.88 -3.68
N MET B 237 -1.93 -19.86 -4.78
CA MET B 237 -1.38 -18.57 -5.20
C MET B 237 -2.47 -17.66 -5.78
N ALA B 238 -3.56 -18.23 -6.31
CA ALA B 238 -4.71 -17.41 -6.65
C ALA B 238 -5.31 -16.77 -5.40
N CYS B 239 -5.31 -17.50 -4.28
CA CYS B 239 -5.79 -16.93 -3.03
C CYS B 239 -4.91 -15.77 -2.60
N ALA B 240 -3.60 -15.86 -2.84
CA ALA B 240 -2.70 -14.82 -2.35
C ALA B 240 -2.88 -13.53 -3.12
N THR B 241 -3.07 -13.58 -4.44
CA THR B 241 -3.25 -12.32 -5.16
C THR B 241 -4.61 -11.70 -4.81
N THR B 242 -5.64 -12.54 -4.61
CA THR B 242 -6.91 -12.05 -4.07
C THR B 242 -6.70 -11.29 -2.76
N ALA B 243 -5.99 -11.91 -1.82
CA ALA B 243 -5.86 -11.34 -0.48
C ALA B 243 -5.09 -10.02 -0.50
N PHE B 244 -3.94 -9.99 -1.17
CA PHE B 244 -3.16 -8.76 -1.19
C PHE B 244 -3.96 -7.62 -1.77
N CYS B 245 -4.79 -7.91 -2.78
CA CYS B 245 -5.57 -6.83 -3.38
C CYS B 245 -6.68 -6.32 -2.45
N TYR B 246 -7.18 -7.15 -1.52
CA TYR B 246 -8.13 -6.63 -0.53
C TYR B 246 -7.47 -5.61 0.37
N SER B 247 -6.20 -5.83 0.75
CA SER B 247 -5.52 -4.83 1.55
C SER B 247 -5.22 -3.58 0.73
N ARG B 248 -4.89 -3.73 -0.56
CA ARG B 248 -4.76 -2.58 -1.45
C ARG B 248 -6.07 -1.78 -1.52
N MET B 249 -7.22 -2.49 -1.61
CA MET B 249 -8.51 -1.81 -1.60
C MET B 249 -8.68 -0.96 -0.36
N CYS B 250 -8.33 -1.50 0.80
CA CYS B 250 -8.55 -0.80 2.05
C CYS B 250 -7.69 0.47 2.11
N MET B 251 -6.42 0.37 1.74
CA MET B 251 -5.59 1.56 1.72
C MET B 251 -6.11 2.59 0.71
N PHE B 252 -6.58 2.13 -0.45
CA PHE B 252 -7.15 3.07 -1.42
C PHE B 252 -8.30 3.87 -0.81
N ASP B 253 -9.26 3.17 -0.19
CA ASP B 253 -10.41 3.84 0.39
C ASP B 253 -9.99 4.89 1.41
N MET B 254 -9.07 4.53 2.31
CA MET B 254 -8.69 5.47 3.36
C MET B 254 -7.95 6.67 2.78
N TRP B 255 -6.98 6.40 1.92
CA TRP B 255 -6.24 7.48 1.28
C TRP B 255 -7.18 8.46 0.56
N LEU B 256 -8.09 7.91 -0.26
CA LEU B 256 -8.95 8.76 -1.08
C LEU B 256 -9.97 9.50 -0.22
N CYS B 257 -10.54 8.81 0.78
CA CYS B 257 -11.49 9.50 1.67
C CYS B 257 -10.80 10.66 2.38
N GLN B 258 -9.57 10.45 2.84
CA GLN B 258 -8.87 11.56 3.48
C GLN B 258 -8.61 12.70 2.50
N PHE B 259 -8.22 12.38 1.26
CA PHE B 259 -8.00 13.45 0.29
C PHE B 259 -9.28 14.27 0.08
N ILE B 260 -10.41 13.58 -0.11
CA ILE B 260 -11.68 14.24 -0.35
C ILE B 260 -12.09 15.09 0.85
N ARG B 261 -11.92 14.54 2.06
CA ARG B 261 -12.22 15.30 3.27
C ARG B 261 -11.35 16.54 3.39
N TYR B 262 -10.06 16.40 3.11
CA TYR B 262 -9.13 17.52 3.18
C TYR B 262 -9.37 18.55 2.07
N MET B 263 -10.16 18.20 1.05
CA MET B 263 -10.62 19.13 0.03
C MET B 263 -11.90 19.86 0.42
N GLY B 264 -12.49 19.52 1.56
CA GLY B 264 -13.68 20.20 2.03
C GLY B 264 -14.99 19.47 1.80
N TYR B 265 -14.96 18.20 1.42
CA TYR B 265 -16.16 17.41 1.17
C TYR B 265 -16.17 16.23 2.14
N TYR B 266 -17.23 15.42 2.10
CA TYR B 266 -17.25 14.19 2.87
C TYR B 266 -17.07 13.00 1.94
N ALA B 267 -16.76 11.85 2.54
CA ALA B 267 -16.45 10.65 1.77
C ALA B 267 -16.75 9.43 2.62
N ILE B 268 -17.40 8.45 1.99
CA ILE B 268 -17.77 7.20 2.64
C ILE B 268 -16.97 6.09 1.98
N PRO B 269 -16.09 5.40 2.70
CA PRO B 269 -15.38 4.24 2.13
C PRO B 269 -16.29 3.03 2.13
N SER B 270 -15.86 1.95 1.48
CA SER B 270 -16.71 0.77 1.52
C SER B 270 -16.05 -0.60 1.30
N CYS B 271 -15.01 -0.70 0.46
CA CYS B 271 -14.50 -2.02 0.09
C CYS B 271 -15.65 -2.92 -0.35
N ASN B 272 -15.87 -4.09 0.28
CA ASN B 272 -16.96 -4.98 -0.16
C ASN B 272 -18.31 -4.63 0.46
N GLY B 273 -18.39 -3.63 1.33
CA GLY B 273 -19.65 -3.25 1.95
C GLY B 273 -20.42 -2.20 1.15
N VAL B 274 -21.54 -1.78 1.75
CA VAL B 274 -22.41 -0.67 1.36
C VAL B 274 -23.23 -0.95 0.09
N GLY B 275 -22.59 -1.48 -0.96
CA GLY B 275 -23.32 -1.69 -2.19
C GLY B 275 -22.60 -2.64 -3.14
N GLN B 276 -23.25 -2.88 -4.28
CA GLN B 276 -22.80 -3.88 -5.25
C GLN B 276 -21.78 -3.26 -6.21
N SER B 277 -20.52 -3.65 -6.04
CA SER B 277 -19.42 -3.02 -6.78
C SER B 277 -19.54 -3.22 -8.29
N VAL B 278 -19.97 -4.40 -8.73
CA VAL B 278 -20.00 -4.66 -10.17
C VAL B 278 -20.94 -3.67 -10.87
N ALA B 279 -22.12 -3.41 -10.28
CA ALA B 279 -23.05 -2.46 -10.87
C ALA B 279 -22.45 -1.05 -10.93
N PHE B 280 -21.84 -0.60 -9.84
CA PHE B 280 -21.17 0.70 -9.83
C PHE B 280 -20.07 0.76 -10.88
N ALA B 281 -19.28 -0.31 -11.01
CA ALA B 281 -18.18 -0.30 -11.97
C ALA B 281 -18.69 -0.22 -13.41
N VAL B 282 -19.80 -0.89 -13.70
CA VAL B 282 -20.37 -0.80 -15.04
C VAL B 282 -20.88 0.61 -15.30
N GLU B 283 -21.56 1.20 -14.32
CA GLU B 283 -22.11 2.54 -14.53
C GLU B 283 -21.02 3.60 -14.61
N ALA B 284 -19.86 3.35 -13.99
CA ALA B 284 -18.74 4.28 -14.05
C ALA B 284 -17.82 4.05 -15.24
N GLY B 285 -18.13 3.08 -16.10
CA GLY B 285 -17.38 2.88 -17.32
C GLY B 285 -16.11 2.05 -17.19
N LEU B 286 -15.88 1.39 -16.06
CA LEU B 286 -14.69 0.54 -15.96
C LEU B 286 -14.77 -0.66 -16.89
N GLY B 287 -15.96 -1.19 -17.11
CA GLY B 287 -16.11 -2.39 -17.92
C GLY B 287 -17.56 -2.76 -18.10
N GLN B 288 -17.78 -4.00 -18.52
CA GLN B 288 -19.12 -4.51 -18.78
C GLN B 288 -19.38 -5.75 -17.92
N ALA B 289 -20.66 -5.95 -17.56
CA ALA B 289 -21.06 -7.18 -16.90
C ALA B 289 -20.88 -8.37 -17.84
N SER B 290 -20.73 -9.54 -17.24
CA SER B 290 -20.31 -10.74 -17.96
C SER B 290 -21.15 -11.93 -17.53
N ARG B 291 -20.97 -13.06 -18.22
CA ARG B 291 -21.68 -14.28 -17.87
C ARG B 291 -21.34 -14.73 -16.44
N MET B 292 -20.06 -14.72 -16.07
CA MET B 292 -19.70 -15.15 -14.72
C MET B 292 -20.26 -14.20 -13.66
N GLY B 293 -20.57 -12.97 -14.03
CA GLY B 293 -21.14 -12.00 -13.11
C GLY B 293 -20.21 -10.86 -12.76
N ALA B 294 -18.94 -10.98 -13.11
CA ALA B 294 -17.95 -9.96 -12.80
C ALA B 294 -17.97 -8.83 -13.82
N CYS B 295 -17.40 -7.70 -13.44
CA CYS B 295 -17.12 -6.62 -14.38
C CYS B 295 -15.86 -6.95 -15.18
N ILE B 296 -15.99 -7.06 -16.50
CA ILE B 296 -14.86 -7.34 -17.38
C ILE B 296 -14.36 -6.01 -17.94
N THR B 297 -13.05 -5.74 -17.73
CA THR B 297 -12.39 -4.51 -18.15
C THR B 297 -11.53 -4.78 -19.37
N PRO B 298 -11.33 -3.79 -20.23
CA PRO B 298 -10.43 -4.01 -21.37
C PRO B 298 -9.00 -4.29 -20.95
N GLU B 299 -8.53 -3.68 -19.87
CA GLU B 299 -7.12 -3.81 -19.50
C GLU B 299 -6.82 -5.15 -18.83
N PHE B 300 -7.77 -5.68 -18.04
CA PHE B 300 -7.48 -6.80 -17.16
C PHE B 300 -8.49 -7.93 -17.30
N GLY B 301 -9.48 -7.78 -18.17
CA GLY B 301 -10.62 -8.67 -18.14
C GLY B 301 -11.25 -8.59 -16.78
N PRO B 302 -11.72 -9.73 -16.26
CA PRO B 302 -12.28 -9.77 -14.90
C PRO B 302 -11.23 -9.92 -13.82
N ASN B 303 -9.94 -9.97 -14.16
CA ASN B 303 -8.89 -10.21 -13.18
C ASN B 303 -8.48 -8.91 -12.49
N VAL B 304 -9.45 -8.31 -11.81
CA VAL B 304 -9.26 -7.00 -11.18
C VAL B 304 -10.28 -6.88 -10.06
N ARG B 305 -9.84 -6.36 -8.91
CA ARG B 305 -10.76 -6.16 -7.80
C ARG B 305 -11.35 -4.76 -7.87
N LEU B 306 -12.49 -4.58 -7.18
CA LEU B 306 -13.20 -3.31 -7.17
C LEU B 306 -13.37 -2.79 -5.75
N THR B 307 -13.25 -1.48 -5.60
CA THR B 307 -13.72 -0.81 -4.38
C THR B 307 -14.33 0.52 -4.81
N LYS B 308 -14.94 1.23 -3.86
CA LYS B 308 -15.64 2.43 -4.25
C LYS B 308 -15.81 3.35 -3.04
N VAL B 309 -15.93 4.64 -3.34
CA VAL B 309 -16.05 5.69 -2.35
C VAL B 309 -17.20 6.59 -2.78
N PHE B 310 -18.06 6.96 -1.82
CA PHE B 310 -19.25 7.78 -2.10
C PHE B 310 -19.02 9.19 -1.57
N THR B 311 -19.41 10.20 -2.35
CA THR B 311 -19.08 11.55 -1.97
C THR B 311 -20.04 12.57 -2.56
N ASN B 312 -20.14 13.72 -1.89
CA ASN B 312 -20.83 14.89 -2.41
C ASN B 312 -19.94 15.79 -3.25
N MET B 313 -18.65 15.47 -3.37
CA MET B 313 -17.76 16.28 -4.20
C MET B 313 -18.30 16.37 -5.62
N PRO B 314 -18.45 17.57 -6.18
CA PRO B 314 -18.90 17.68 -7.58
C PRO B 314 -17.91 17.04 -8.53
N LEU B 315 -18.42 16.24 -9.45
CA LEU B 315 -17.58 15.46 -10.36
C LEU B 315 -18.28 15.34 -11.71
N VAL B 316 -17.51 15.01 -12.73
CA VAL B 316 -18.03 14.75 -14.06
C VAL B 316 -18.18 13.24 -14.23
N PRO B 317 -19.40 12.72 -14.38
CA PRO B 317 -19.55 11.28 -14.60
C PRO B 317 -18.86 10.83 -15.88
N ASP B 318 -18.25 9.64 -15.80
CA ASP B 318 -17.67 9.03 -16.97
C ASP B 318 -18.77 8.35 -17.79
N LYS B 319 -18.44 8.05 -19.10
CA LYS B 319 -19.44 7.37 -19.92
C LYS B 319 -19.31 5.85 -19.77
N PRO B 320 -20.42 5.12 -19.76
CA PRO B 320 -20.33 3.65 -19.84
C PRO B 320 -19.64 3.25 -21.14
N ILE B 321 -19.10 2.03 -21.15
CA ILE B 321 -18.32 1.54 -22.27
C ILE B 321 -18.98 0.27 -22.81
N ASP B 322 -18.93 0.10 -24.13
CA ASP B 322 -19.42 -1.09 -24.79
C ASP B 322 -18.32 -1.54 -25.74
N PHE B 323 -17.57 -2.58 -25.37
CA PHE B 323 -16.60 -3.17 -26.28
C PHE B 323 -16.96 -4.61 -26.61
N GLY B 324 -18.25 -4.93 -26.56
CA GLY B 324 -18.77 -6.19 -27.07
C GLY B 324 -18.75 -7.36 -26.11
N VAL B 325 -18.65 -7.12 -24.80
CA VAL B 325 -18.60 -8.24 -23.86
C VAL B 325 -19.89 -9.05 -23.90
N THR B 326 -21.03 -8.37 -23.92
CA THR B 326 -22.32 -9.07 -23.88
C THR B 326 -22.43 -10.06 -25.03
N GLU B 327 -22.10 -9.61 -26.24
CA GLU B 327 -22.21 -10.49 -27.40
C GLU B 327 -21.16 -11.60 -27.38
N PHE B 328 -19.99 -11.32 -26.81
CA PHE B 328 -18.98 -12.37 -26.69
C PHE B 328 -19.41 -13.41 -25.67
N CYS B 329 -19.89 -12.98 -24.50
CA CYS B 329 -20.35 -13.94 -23.49
C CYS B 329 -21.54 -14.75 -23.98
N GLU B 330 -22.33 -14.20 -24.90
CA GLU B 330 -23.50 -14.92 -25.40
C GLU B 330 -23.11 -16.28 -25.97
N THR B 331 -21.99 -16.34 -26.68
CA THR B 331 -21.59 -17.58 -27.34
C THR B 331 -20.39 -18.28 -26.69
N CYS B 332 -19.74 -17.68 -25.70
CA CYS B 332 -18.49 -18.23 -25.17
C CYS B 332 -18.71 -19.41 -24.22
N LYS B 333 -19.29 -19.14 -23.05
CA LYS B 333 -19.65 -20.15 -22.05
C LYS B 333 -18.44 -20.92 -21.47
N LYS B 334 -17.21 -20.41 -21.64
CA LYS B 334 -16.05 -21.15 -21.15
C LYS B 334 -16.01 -21.20 -19.62
N CYS B 335 -16.32 -20.09 -18.96
CA CYS B 335 -16.37 -20.10 -17.51
C CYS B 335 -17.41 -21.10 -17.01
N ALA B 336 -18.54 -21.17 -17.70
CA ALA B 336 -19.61 -22.07 -17.27
C ALA B 336 -19.23 -23.53 -17.42
N ARG B 337 -18.45 -23.87 -18.45
CA ARG B 337 -18.06 -25.26 -18.63
C ARG B 337 -16.91 -25.67 -17.73
N GLU B 338 -16.07 -24.71 -17.30
CA GLU B 338 -14.92 -25.00 -16.46
C GLU B 338 -15.22 -24.85 -14.99
N CYS B 339 -16.33 -24.21 -14.64
CA CYS B 339 -16.67 -23.94 -13.26
C CYS B 339 -16.70 -25.24 -12.49
N PRO B 340 -15.85 -25.43 -11.49
CA PRO B 340 -15.87 -26.72 -10.82
C PRO B 340 -17.14 -26.99 -10.09
N SER B 341 -18.10 -26.09 -9.90
CA SER B 341 -19.32 -26.39 -9.16
C SER B 341 -20.59 -26.24 -9.99
N LYS B 342 -20.47 -26.00 -11.31
CA LYS B 342 -21.61 -25.76 -12.19
C LYS B 342 -22.50 -24.63 -11.66
N ALA B 343 -21.85 -23.59 -11.13
CA ALA B 343 -22.57 -22.45 -10.57
C ALA B 343 -23.02 -21.47 -11.64
N ILE B 344 -22.31 -21.40 -12.77
CA ILE B 344 -22.53 -20.38 -13.79
C ILE B 344 -23.46 -20.94 -14.85
N THR B 345 -24.50 -20.20 -15.20
CA THR B 345 -25.48 -20.68 -16.16
C THR B 345 -24.93 -20.66 -17.58
N GLU B 346 -25.42 -21.60 -18.40
CA GLU B 346 -25.21 -21.56 -19.84
C GLU B 346 -26.40 -20.97 -20.59
N GLY B 347 -27.47 -20.60 -19.87
CA GLY B 347 -28.65 -20.08 -20.50
C GLY B 347 -28.61 -18.58 -20.75
N PRO B 348 -29.73 -18.02 -21.18
CA PRO B 348 -29.79 -16.58 -21.48
C PRO B 348 -29.99 -15.75 -20.21
N ARG B 349 -29.86 -14.44 -20.38
CA ARG B 349 -30.09 -13.50 -19.30
C ARG B 349 -31.58 -13.34 -19.04
N THR B 350 -31.93 -13.16 -17.77
CA THR B 350 -33.32 -12.95 -17.35
C THR B 350 -33.35 -11.89 -16.26
N PHE B 351 -34.56 -11.50 -15.88
CA PHE B 351 -34.81 -10.60 -14.75
C PHE B 351 -35.13 -11.34 -13.46
N GLU B 352 -35.00 -12.67 -13.45
CA GLU B 352 -35.48 -13.47 -12.33
C GLU B 352 -34.30 -14.21 -11.69
N GLY B 353 -34.05 -13.92 -10.41
CA GLY B 353 -32.94 -14.56 -9.73
C GLY B 353 -33.15 -16.04 -9.56
N ARG B 354 -32.05 -16.78 -9.56
CA ARG B 354 -32.13 -18.22 -9.32
C ARG B 354 -32.38 -18.55 -7.85
N SER B 355 -31.93 -17.69 -6.94
CA SER B 355 -32.13 -17.97 -5.52
C SER B 355 -32.07 -16.65 -4.75
N ILE B 356 -32.19 -16.76 -3.43
CA ILE B 356 -32.12 -15.61 -2.53
C ILE B 356 -30.85 -14.78 -2.77
N HIS B 357 -29.78 -15.40 -3.26
CA HIS B 357 -28.51 -14.68 -3.37
C HIS B 357 -28.47 -13.69 -4.52
N ASN B 358 -29.37 -13.81 -5.50
CA ASN B 358 -29.46 -12.87 -6.61
C ASN B 358 -30.47 -11.76 -6.32
N GLN B 359 -30.18 -10.56 -6.83
CA GLN B 359 -31.14 -9.48 -6.83
C GLN B 359 -31.98 -9.54 -8.10
N SER B 360 -33.26 -9.86 -7.96
CA SER B 360 -34.15 -9.91 -9.10
C SER B 360 -34.48 -8.50 -9.58
N GLY B 361 -34.91 -8.39 -10.84
CA GLY B 361 -35.32 -7.14 -11.41
C GLY B 361 -34.30 -6.47 -12.31
N LYS B 362 -33.14 -7.09 -12.54
CA LYS B 362 -32.15 -6.54 -13.44
C LYS B 362 -31.72 -7.61 -14.42
N LEU B 363 -31.50 -7.21 -15.67
CA LEU B 363 -31.15 -8.16 -16.72
C LEU B 363 -29.69 -8.58 -16.56
N GLN B 364 -29.48 -9.86 -16.26
CA GLN B 364 -28.13 -10.39 -16.04
C GLN B 364 -28.16 -11.90 -16.26
N TRP B 365 -26.97 -12.49 -16.33
CA TRP B 365 -26.86 -13.93 -16.24
C TRP B 365 -26.99 -14.33 -14.76
N GLN B 366 -27.96 -15.20 -14.48
CA GLN B 366 -28.31 -15.58 -13.12
C GLN B 366 -27.53 -16.83 -12.72
N ASN B 367 -26.64 -16.69 -11.74
CA ASN B 367 -25.79 -17.78 -11.32
C ASN B 367 -26.18 -18.26 -9.92
N ASP B 368 -25.84 -19.51 -9.62
CA ASP B 368 -26.16 -20.08 -8.31
C ASP B 368 -24.94 -19.92 -7.41
N TYR B 369 -24.98 -18.91 -6.55
CA TYR B 369 -23.80 -18.55 -5.78
C TYR B 369 -23.63 -19.39 -4.53
N ASN B 370 -24.64 -20.16 -4.12
CA ASN B 370 -24.41 -21.15 -3.09
C ASN B 370 -23.60 -22.33 -3.62
N LYS B 371 -23.82 -22.71 -4.88
CA LYS B 371 -22.99 -23.74 -5.49
C LYS B 371 -21.53 -23.30 -5.56
N CYS B 372 -21.29 -22.04 -5.93
CA CYS B 372 -19.92 -21.51 -5.93
C CYS B 372 -19.30 -21.59 -4.55
N LEU B 373 -19.97 -21.04 -3.53
CA LEU B 373 -19.38 -21.03 -2.20
C LEU B 373 -19.10 -22.43 -1.69
N GLY B 374 -19.95 -23.39 -2.06
CA GLY B 374 -19.75 -24.76 -1.59
C GLY B 374 -18.42 -25.34 -2.04
N TYR B 375 -17.87 -24.84 -3.14
CA TYR B 375 -16.58 -25.34 -3.60
C TYR B 375 -15.41 -24.76 -2.80
N TRP B 376 -15.64 -23.70 -2.02
CA TRP B 376 -14.50 -23.08 -1.34
C TRP B 376 -14.00 -23.93 -0.17
N PRO B 377 -14.84 -24.47 0.71
CA PRO B 377 -14.30 -25.40 1.72
C PRO B 377 -13.70 -26.66 1.11
N GLU B 378 -14.29 -27.15 0.01
N GLU B 378 -14.31 -27.16 0.03
CA GLU B 378 -13.76 -28.37 -0.59
CA GLU B 378 -13.80 -28.35 -0.63
C GLU B 378 -12.37 -28.16 -1.17
C GLU B 378 -12.37 -28.14 -1.12
N SER B 379 -12.11 -26.98 -1.73
CA SER B 379 -10.82 -26.72 -2.36
C SER B 379 -9.84 -25.98 -1.45
N GLY B 380 -10.30 -25.48 -0.29
CA GLY B 380 -9.42 -24.76 0.61
C GLY B 380 -8.98 -23.40 0.13
N GLY B 381 -9.75 -22.78 -0.77
CA GLY B 381 -9.35 -21.49 -1.31
C GLY B 381 -10.51 -20.61 -1.72
N TYR B 382 -10.27 -19.68 -2.64
CA TYR B 382 -11.30 -18.77 -3.13
C TYR B 382 -11.58 -19.01 -4.61
N CYS B 383 -11.30 -20.24 -5.08
CA CYS B 383 -11.44 -20.68 -6.46
C CYS B 383 -10.89 -19.64 -7.42
N GLY B 384 -11.76 -19.02 -8.23
CA GLY B 384 -11.32 -18.10 -9.27
C GLY B 384 -11.07 -18.73 -10.62
N VAL B 385 -11.48 -19.98 -10.83
CA VAL B 385 -11.25 -20.63 -12.11
C VAL B 385 -11.92 -19.85 -13.25
N CYS B 386 -13.12 -19.30 -12.98
CA CYS B 386 -13.83 -18.54 -14.00
C CYS B 386 -12.99 -17.35 -14.48
N VAL B 387 -12.43 -16.59 -13.53
CA VAL B 387 -11.53 -15.50 -13.89
C VAL B 387 -10.34 -16.03 -14.67
N ALA B 388 -9.76 -17.14 -14.22
CA ALA B 388 -8.52 -17.64 -14.82
C ALA B 388 -8.73 -18.07 -16.28
N VAL B 389 -9.88 -18.67 -16.61
CA VAL B 389 -10.08 -19.21 -17.95
C VAL B 389 -10.72 -18.21 -18.92
N CYS B 390 -11.20 -17.07 -18.44
CA CYS B 390 -11.92 -16.13 -19.28
C CYS B 390 -10.99 -15.53 -20.34
N PRO B 391 -11.33 -15.62 -21.63
CA PRO B 391 -10.42 -15.07 -22.65
C PRO B 391 -10.01 -13.63 -22.40
N PHE B 392 -10.87 -12.82 -21.76
CA PHE B 392 -10.52 -11.42 -21.52
C PHE B 392 -9.42 -11.25 -20.49
N THR B 393 -9.17 -12.26 -19.65
CA THR B 393 -8.09 -12.19 -18.68
C THR B 393 -6.71 -12.26 -19.33
N LYS B 394 -6.58 -12.85 -20.52
CA LYS B 394 -5.25 -13.09 -21.08
C LYS B 394 -4.74 -11.86 -21.81
N ASN B 431 3.11 -24.36 -13.24
CA ASN B 431 2.71 -24.79 -11.92
C ASN B 431 3.11 -23.75 -10.86
N ILE B 432 2.85 -24.06 -9.60
CA ILE B 432 3.07 -23.05 -8.57
C ILE B 432 4.56 -22.83 -8.30
N THR B 433 5.39 -23.87 -8.44
CA THR B 433 6.84 -23.67 -8.30
C THR B 433 7.34 -22.67 -9.33
N GLU B 434 6.86 -22.77 -10.57
CA GLU B 434 7.28 -21.83 -11.60
C GLU B 434 6.81 -20.42 -11.31
N VAL B 435 5.67 -20.25 -10.63
CA VAL B 435 5.26 -18.90 -10.22
C VAL B 435 6.22 -18.33 -9.18
N TRP B 436 6.51 -19.11 -8.13
CA TRP B 436 7.44 -18.63 -7.10
C TRP B 436 8.82 -18.33 -7.67
N ASP B 437 9.24 -19.08 -8.69
CA ASP B 437 10.56 -18.88 -9.29
C ASP B 437 10.53 -17.91 -10.46
N GLY B 438 9.36 -17.37 -10.82
CA GLY B 438 9.17 -16.67 -12.06
C GLY B 438 9.03 -15.17 -11.90
N LYS B 439 8.40 -14.54 -12.89
CA LYS B 439 8.33 -13.10 -13.00
C LYS B 439 7.46 -12.50 -11.90
N ILE B 440 7.94 -11.39 -11.31
CA ILE B 440 7.14 -10.62 -10.37
C ILE B 440 7.67 -9.18 -10.41
N ASN B 441 6.85 -8.24 -9.97
CA ASN B 441 7.23 -6.84 -9.92
C ASN B 441 6.36 -6.22 -8.82
N THR B 442 6.52 -4.93 -8.60
CA THR B 442 5.94 -4.30 -7.42
C THR B 442 4.40 -4.45 -7.41
N TYR B 443 3.86 -4.87 -6.26
CA TYR B 443 2.43 -5.12 -6.07
C TYR B 443 1.89 -6.17 -7.05
N GLY B 444 2.77 -6.97 -7.65
CA GLY B 444 2.32 -7.93 -8.64
C GLY B 444 1.96 -7.34 -9.99
N LEU B 445 2.20 -6.05 -10.21
CA LEU B 445 1.90 -5.46 -11.51
C LEU B 445 2.92 -5.95 -12.54
N ASP B 446 2.55 -5.81 -13.82
CA ASP B 446 3.32 -6.39 -14.94
C ASP B 446 3.80 -5.26 -15.84
N ALA B 447 5.11 -5.07 -15.91
CA ALA B 447 5.67 -3.99 -16.71
C ALA B 447 5.41 -4.17 -18.20
N ASP B 448 5.10 -5.39 -18.64
CA ASP B 448 4.75 -5.60 -20.05
C ASP B 448 3.44 -4.91 -20.41
N HIS B 449 2.59 -4.63 -19.44
CA HIS B 449 1.28 -4.03 -19.70
C HIS B 449 1.04 -2.73 -18.94
N PHE B 450 1.92 -2.37 -18.01
CA PHE B 450 1.67 -1.22 -17.14
C PHE B 450 1.52 0.09 -17.92
N ARG B 451 2.08 0.20 -19.13
CA ARG B 451 1.83 1.42 -19.88
C ARG B 451 0.37 1.62 -20.22
N ASP B 452 -0.42 0.54 -20.26
CA ASP B 452 -1.83 0.66 -20.60
C ASP B 452 -2.61 1.52 -19.60
N THR B 453 -2.11 1.68 -18.37
CA THR B 453 -2.85 2.47 -17.39
C THR B 453 -2.19 3.82 -17.11
N VAL B 454 -1.27 4.25 -17.97
CA VAL B 454 -0.75 5.60 -17.86
C VAL B 454 -1.91 6.58 -18.06
N SER B 455 -1.80 7.76 -17.46
CA SER B 455 -2.90 8.72 -17.48
C SER B 455 -2.39 10.15 -17.55
N PHE B 456 -3.03 10.93 -18.42
CA PHE B 456 -2.85 12.36 -18.54
C PHE B 456 -4.20 13.03 -18.33
N ARG B 457 -4.19 14.37 -18.22
CA ARG B 457 -5.45 15.06 -17.95
C ARG B 457 -6.51 14.75 -19.01
N LYS B 458 -6.09 14.60 -20.28
CA LYS B 458 -7.04 14.38 -21.37
C LYS B 458 -7.92 13.16 -21.11
N ASP B 459 -7.36 12.10 -20.55
CA ASP B 459 -8.12 10.90 -20.26
C ASP B 459 -8.74 10.89 -18.86
N ARG B 460 -8.43 11.88 -18.02
CA ARG B 460 -9.08 11.96 -16.72
C ARG B 460 -10.39 12.75 -16.76
N VAL B 461 -10.48 13.77 -17.61
CA VAL B 461 -11.74 14.50 -17.71
C VAL B 461 -11.89 15.15 -19.09
FE1 SF4 C . 23.98 13.58 -5.95
FE2 SF4 C . 26.44 13.12 -4.88
FE3 SF4 C . 25.08 15.36 -4.18
FE4 SF4 C . 26.06 15.10 -6.71
S1 SF4 C . 27.28 15.24 -4.76
S2 SF4 C . 23.98 15.82 -6.15
S3 SF4 C . 25.84 12.91 -7.10
S4 SF4 C . 24.49 13.24 -3.72
FE1 SF4 D . 16.64 20.63 1.53
FE2 SF4 D . 18.31 18.50 1.27
FE3 SF4 D . 19.26 20.93 2.07
FE4 SF4 D . 17.72 19.49 3.73
S1 SF4 D . 19.80 18.89 2.96
S2 SF4 D . 17.51 21.73 3.31
S3 SF4 D . 16.29 18.48 2.33
S4 SF4 D . 18.38 20.46 0.06
P BVQ E . 24.45 10.47 10.51
CO BVQ E . 15.56 12.01 6.52
C1 BVQ E . 15.86 9.23 6.04
C2 BVQ E . 15.24 8.16 5.08
O2 BVQ E . 23.97 9.61 9.22
C3 BVQ E . 15.25 8.91 3.68
O3 BVQ E . 23.06 10.61 11.31
C4 BVQ E . 15.22 10.35 4.14
O4 BVQ E . 25.44 9.65 11.23
C5 BVQ E . 14.87 11.49 3.23
O5 BVQ E . 24.81 11.87 10.06
C6 BVQ E . 14.98 12.80 3.67
C7 BVQ E . 14.74 14.10 2.89
C8 BVQ E . 15.75 15.01 3.61
C9 BVQ E . 15.73 14.42 5.00
C10 BVQ E . 16.05 15.22 6.12
C11 BVQ E . 16.11 14.71 7.41
C12 BVQ E . 16.48 15.61 8.58
C13 BVQ E . 16.45 14.64 9.82
C14 BVQ E . 16.18 13.25 9.16
C15 BVQ E . 16.07 12.08 9.88
C16 BVQ E . 15.82 10.78 9.21
C17 BVQ E . 15.68 9.40 9.86
C18 BVQ E . 15.81 8.51 8.63
C19 BVQ E . 15.24 9.36 7.49
N1B BVQ E . 24.13 7.49 7.07
C1P BVQ E . 21.20 9.76 12.63
C1R BVQ E . 23.19 8.50 6.59
C20 BVQ E . 17.37 9.17 6.20
N21 BVQ E . 15.52 10.49 5.40
N22 BVQ E . 15.46 13.10 4.94
N23 BVQ E . 15.94 13.42 7.76
N24 BVQ E . 15.59 10.74 7.91
C25 BVQ E . 15.97 6.81 5.09
C26 BVQ E . 13.74 7.96 5.45
C27 BVQ E . 12.92 7.01 4.56
O28 BVQ E . 13.34 6.66 3.45
N29 BVQ E . 11.75 6.61 5.04
C2B BVQ E . 23.80 6.73 8.10
C2P BVQ E . 22.68 9.53 12.14
C2R BVQ E . 23.60 9.95 6.83
C30 BVQ E . 16.47 8.56 2.81
C31 BVQ E . 16.16 7.49 1.75
C32 BVQ E . 17.41 7.04 1.03
N33 BVQ E . 17.30 6.87 -0.29
O34 BVQ E . 18.46 6.84 1.64
C35 BVQ E . 14.46 11.04 1.86
C36 BVQ E . 15.01 14.13 1.36
C37 BVQ E . 13.36 14.67 3.22
C38 BVQ E . 12.22 14.10 2.39
O39 BVQ E . 12.01 12.88 2.40
N3B BVQ E . 24.66 5.72 8.35
C3R BVQ E . 23.09 10.16 8.25
N40 BVQ E . 11.46 14.94 1.71
C41 BVQ E . 17.14 14.80 2.98
C42 BVQ E . 18.31 15.36 3.77
C43 BVQ E . 19.64 14.77 3.33
O44 BVQ E . 19.75 13.57 3.08
N45 BVQ E . 20.65 15.63 3.21
C46 BVQ E . 15.46 16.74 8.76
C47 BVQ E . 17.85 16.23 8.27
C48 BVQ E . 17.71 14.77 10.70
C49 BVQ E . 18.87 13.80 10.39
N4B BVQ E . 26.74 5.06 7.27
C4R BVQ E . 21.77 9.40 8.22
C50 BVQ E . 19.81 13.62 11.58
O51 BVQ E . 19.51 14.08 12.68
N52 BVQ E . 20.92 12.94 11.35
C53 BVQ E . 16.17 12.07 11.38
C54 BVQ E . 14.29 9.30 10.53
C55 BVQ E . 16.74 8.95 10.89
C56 BVQ E . 18.17 9.14 10.38
C57 BVQ E . 19.15 8.96 11.53
O58 BVQ E . 19.00 8.06 12.36
N59 BVQ E . 20.18 9.80 11.59
C5B BVQ E . 27.49 5.47 6.24
C5R BVQ E . 20.57 10.22 7.81
C60 BVQ E . 15.16 7.11 8.76
C61 BVQ E . 16.11 6.14 9.44
N62 BVQ E . 15.64 5.51 10.51
O63 BVQ E . 17.26 5.98 9.03
N6B BVQ E . 27.30 6.50 5.41
O6R BVQ E . 21.96 8.33 7.27
N7A BVQ E . 26.01 8.30 4.75
C7B BVQ E . 26.20 7.27 5.57
O7R BVQ E . 25.00 10.17 6.75
C8B BVQ E . 25.31 6.93 6.62
O8R BVQ E . 20.29 11.27 8.73
C9B BVQ E . 25.66 5.83 7.41
C1 GOL F . 7.81 14.38 15.42
O1 GOL F . 8.79 15.08 14.68
C2 GOL F . 8.19 14.37 16.89
O2 GOL F . 9.40 15.09 17.04
C3 GOL F . 8.42 12.94 17.38
O3 GOL F . 7.21 12.23 17.27
C1 GOL G . -3.31 -3.15 11.17
O1 GOL G . -4.47 -2.66 11.81
C2 GOL G . -2.44 -3.89 12.16
O2 GOL G . -3.14 -5.06 12.58
C3 GOL G . -2.14 -2.97 13.35
O3 GOL G . -1.16 -3.52 14.20
C1 GOL H . 41.64 13.44 5.81
O1 GOL H . 41.66 13.80 4.44
C2 GOL H . 40.39 12.61 6.09
O2 GOL H . 39.25 13.39 5.78
C3 GOL H . 40.36 12.22 7.56
O3 GOL H . 39.30 11.32 7.80
C1 GOL I . 33.88 0.53 -11.92
O1 GOL I . 34.46 1.50 -12.76
C2 GOL I . 33.13 1.22 -10.79
O2 GOL I . 32.99 2.59 -11.10
C3 GOL I . 33.92 1.05 -9.49
O3 GOL I . 33.65 2.12 -8.61
C1 BEN J . 12.14 14.88 24.00
C2 BEN J . 13.52 14.75 23.93
C3 BEN J . 14.33 15.23 24.95
C4 BEN J . 13.77 15.87 26.05
C5 BEN J . 12.39 16.01 26.13
C6 BEN J . 11.58 15.52 25.11
C BEN J . 11.33 14.39 22.98
N1 BEN J . 10.09 13.98 23.21
N2 BEN J . 11.77 14.32 21.73
C1 JIF K . 10.07 12.48 8.13
C2 JIF K . 9.61 13.13 9.27
C3 JIF K . 8.76 14.19 9.11
C4 JIF K . 8.35 14.60 7.86
C5 JIF K . 8.83 13.95 6.75
F2 JIF K . 8.30 14.86 10.19
O JIF K . 10.91 11.42 8.24
F1 JIF K . 7.47 15.62 7.74
F JIF K . 8.42 14.36 5.54
C JIF K . 9.67 12.87 6.86
FE1 SF4 L . -15.40 -14.81 -19.88
FE2 SF4 L . -17.92 -14.36 -20.77
FE3 SF4 L . -17.46 -16.49 -19.20
FE4 SF4 L . -16.50 -16.41 -21.78
S1 SF4 L . -18.73 -16.46 -21.12
S2 SF4 L . -15.34 -17.04 -19.91
S3 SF4 L . -16.00 -14.26 -22.02
S4 SF4 L . -17.26 -14.35 -18.57
FE1 SF4 M . -15.00 -21.19 -9.04
FE2 SF4 M . -16.06 -19.11 -10.46
FE3 SF4 M . -17.21 -19.94 -8.18
FE4 SF4 M . -17.34 -21.54 -10.35
S1 SF4 M . -18.28 -19.46 -10.14
S2 SF4 M . -16.85 -22.23 -8.22
S3 SF4 M . -15.37 -21.11 -11.31
S4 SF4 M . -15.20 -18.99 -8.34
P BVQ N . -26.55 -10.68 -8.11
CO BVQ N . -17.26 -12.24 -5.11
C1 BVQ N . -17.14 -9.52 -5.84
C2 BVQ N . -16.02 -8.47 -6.21
O2 BVQ N . -25.28 -9.96 -8.85
C3 BVQ N . -15.15 -9.31 -7.22
O3 BVQ N . -26.00 -10.71 -6.61
C4 BVQ N . -15.42 -10.73 -6.77
O4 BVQ N . -27.76 -9.82 -8.25
C5 BVQ N . -14.59 -11.90 -7.15
O5 BVQ N . -26.54 -12.09 -8.62
C6 BVQ N . -15.00 -13.19 -6.85
C7 BVQ N . -14.33 -14.53 -7.19
C8 BVQ N . -15.58 -15.45 -7.28
C9 BVQ N . -16.48 -14.77 -6.27
C10 BVQ N . -17.45 -15.48 -5.57
C11 BVQ N . -18.35 -14.89 -4.68
C12 BVQ N . -19.41 -15.74 -4.00
C13 BVQ N . -20.20 -14.71 -3.14
C14 BVQ N . -19.54 -13.33 -3.52
C15 BVQ N . -19.91 -12.13 -2.96
C16 BVQ N . -19.24 -10.85 -3.36
C17 BVQ N . -19.55 -9.44 -2.88
C18 BVQ N . -18.82 -8.63 -3.97
C19 BVQ N . -17.64 -9.54 -4.35
N1B BVQ N . -23.96 -7.91 -10.64
C1P BVQ N . -25.51 -9.82 -4.42
C1R BVQ N . -22.95 -8.92 -10.34
C20 BVQ N . -18.36 -9.49 -6.74
N21 BVQ N . -16.47 -10.79 -6.01
N22 BVQ N . -16.24 -13.43 -6.22
N23 BVQ N . -18.45 -13.58 -4.41
N24 BVQ N . -18.19 -10.90 -4.17
C25 BVQ N . -16.59 -7.16 -6.77
C26 BVQ N . -15.13 -8.21 -4.96
C27 BVQ N . -13.92 -7.25 -5.15
O28 BVQ N . -13.50 -6.98 -6.27
N29 BVQ N . -13.36 -6.79 -4.04
C2B BVQ N . -24.38 -7.10 -9.68
C2P BVQ N . -26.27 -9.63 -5.76
C2R BVQ N . -23.44 -10.37 -10.41
C30 BVQ N . -15.47 -9.06 -8.71
C31 BVQ N . -14.54 -8.04 -9.37
C32 BVQ N . -14.96 -7.71 -10.79
N33 BVQ N . -14.00 -7.68 -11.69
O34 BVQ N . -16.15 -7.51 -11.07
C35 BVQ N . -13.34 -11.51 -7.89
C36 BVQ N . -13.50 -14.65 -8.48
C37 BVQ N . -13.51 -15.02 -5.98
C38 BVQ N . -12.11 -14.41 -5.85
O39 BVQ N . -11.97 -13.19 -5.80
N3B BVQ N . -25.17 -6.10 -10.12
C3R BVQ N . -23.99 -10.54 -8.99
N40 BVQ N . -11.11 -15.25 -5.76
C41 BVQ N . -16.20 -15.31 -8.67
C42 BVQ N . -17.61 -15.92 -8.83
C43 BVQ N . -18.37 -15.35 -10.01
O44 BVQ N . -18.45 -14.14 -10.19
N45 BVQ N . -18.92 -16.24 -10.82
C46 BVQ N . -18.87 -16.86 -3.11
C47 BVQ N . -20.18 -16.35 -5.18
C48 BVQ N . -21.74 -14.80 -3.26
C49 BVQ N . -22.39 -13.92 -4.33
N4B BVQ N . -26.01 -5.52 -12.33
C4R BVQ N . -23.00 -9.74 -8.14
C50 BVQ N . -23.85 -13.66 -4.08
O51 BVQ N . -24.41 -14.05 -3.03
N52 BVQ N . -24.51 -12.98 -5.01
C53 BVQ N . -20.97 -12.04 -1.89
C54 BVQ N . -18.93 -9.27 -1.49
C55 BVQ N . -21.04 -8.97 -2.86
C56 BVQ N . -21.78 -9.27 -4.17
C57 BVQ N . -23.25 -9.01 -3.97
O58 BVQ N . -23.66 -8.09 -3.27
N59 BVQ N . -24.07 -9.84 -4.59
C5B BVQ N . -25.92 -6.00 -13.58
C5R BVQ N . -21.87 -10.55 -7.56
C60 BVQ N . -18.40 -7.21 -3.56
C61 BVQ N . -19.52 -6.22 -3.71
N62 BVQ N . -19.84 -5.50 -2.64
O63 BVQ N . -20.12 -6.09 -4.79
N6B BVQ N . -25.23 -7.05 -14.02
O6R BVQ N . -22.47 -8.72 -9.02
N7A BVQ N . -23.87 -8.87 -13.59
C7B BVQ N . -24.53 -7.79 -13.13
O7R BVQ N . -24.46 -10.51 -11.39
C8B BVQ N . -24.54 -7.38 -11.79
O8R BVQ N . -22.34 -11.53 -6.63
C9B BVQ N . -25.30 -6.27 -11.47
C1 GOL O . -5.93 3.78 9.88
O1 GOL O . -5.47 3.37 11.14
C2 GOL O . -7.21 4.59 10.04
O2 GOL O . -6.89 5.80 10.71
C3 GOL O . -8.22 3.75 10.82
O3 GOL O . -9.54 4.27 10.70
C1 BEN P . -20.70 -17.93 13.88
C2 BEN P . -20.39 -17.02 12.89
C3 BEN P . -19.07 -16.69 12.55
C4 BEN P . -18.03 -17.28 13.24
C5 BEN P . -18.31 -18.20 14.25
C6 BEN P . -19.63 -18.52 14.56
C BEN P . -22.03 -18.26 14.20
N1 BEN P . -23.02 -17.39 14.13
N2 BEN P . -22.38 -19.46 14.62
C1 BEN Q . -24.25 -15.61 10.47
C2 BEN Q . -24.44 -16.79 9.78
C3 BEN Q . -25.36 -17.73 10.24
C4 BEN Q . -26.10 -17.47 11.39
C5 BEN Q . -25.93 -16.29 12.08
C6 BEN Q . -25.00 -15.35 11.62
C BEN Q . -23.31 -14.67 10.01
N1 BEN Q . -22.65 -13.90 10.86
N2 BEN Q . -23.07 -14.51 8.72
C1 JIF R . -14.24 -12.55 -0.23
C2 JIF R . -14.77 -13.05 0.96
C3 JIF R . -14.14 -14.09 1.57
C4 JIF R . -12.98 -14.63 1.06
C5 JIF R . -12.47 -14.12 -0.11
F2 JIF R . -14.64 -14.60 2.73
O JIF R . -14.85 -11.51 -0.87
F1 JIF R . -12.30 -15.55 1.77
C JIF R . -13.08 -13.08 -0.76
C1 JIF S . -27.59 -13.50 10.01
C2 JIF S . -28.11 -12.52 10.85
C3 JIF S . -27.44 -11.33 10.95
C4 JIF S . -26.27 -11.09 10.27
C5 JIF S . -25.78 -12.08 9.44
F2 JIF S . -27.92 -10.36 11.76
O JIF S . -28.26 -14.68 9.91
F1 JIF S . -25.79 -9.84 10.20
F JIF S . -24.64 -11.83 8.77
C JIF S . -26.42 -13.28 9.31
#